data_7OJY
#
_entry.id   7OJY
#
_cell.length_a   166.392
_cell.length_b   166.392
_cell.length_c   99.501
_cell.angle_alpha   90.000
_cell.angle_beta   90.000
_cell.angle_gamma   90.000
#
_symmetry.space_group_name_H-M   'I 41'
#
loop_
_entity.id
_entity.type
_entity.pdbx_description
1 polymer 'Acyl-[acyl-carrier-protein]-UDP-N-acetylglucosamine O-acyltransferase'
2 non-polymer 2-(2-chlorophenyl)sulfanyl-~{N}-[(4-cyanophenyl)methyl]-~{N}-[(5-oxidanyl-1,3,4-oxadiazol-2-yl)methyl]ethanamide
3 non-polymer 'CHLORIDE ION'
4 water water
#
_entity_poly.entity_id   1
_entity_poly.type   'polypeptide(L)'
_entity_poly.pdbx_seq_one_letter_code
;GSHMSLIDPRAIIDPSARLAADVQVGPWSIVGAEVEIGEGTVIGPHVVLKGPTKIGKHNRIYQFSSVGEDTPDLKYKGEP
TRLVIGDHNVIREGVTIHRGTVQDRAETTIGDHNLIMAYAHIGHDSVIGNHCILVNNTALAGHVHVDDWAILSGYTLVHQ
YCRIGAHSFSGMGSAIGKDVPAYVTVFGNPAEARSMNFEGMRRRGFSSEAIHALRRAYKVVYRQGHTVEEALAELAESAA
QFPEVAVFRDSIQSATRGITR
;
_entity_poly.pdbx_strand_id   A,B,C
#
# COMPACT_ATOMS: atom_id res chain seq x y z
N MET A 4 -8.35 -23.02 27.55
CA MET A 4 -7.64 -22.69 26.32
C MET A 4 -6.17 -22.37 26.63
N SER A 5 -5.25 -23.25 26.17
CA SER A 5 -3.79 -23.18 26.35
C SER A 5 -3.20 -21.82 25.87
N LEU A 6 -2.28 -21.18 26.66
CA LEU A 6 -1.71 -19.86 26.27
C LEU A 6 -0.97 -19.93 24.94
N ILE A 7 -0.19 -20.98 24.71
CA ILE A 7 0.52 -21.22 23.44
C ILE A 7 -0.37 -22.19 22.68
N ASP A 8 -0.91 -21.74 21.55
CA ASP A 8 -1.78 -22.61 20.78
C ASP A 8 -1.00 -23.84 20.31
N PRO A 9 -1.55 -25.07 20.42
CA PRO A 9 -0.79 -26.26 19.96
C PRO A 9 -0.43 -26.27 18.45
N ARG A 10 -1.08 -25.39 17.65
CA ARG A 10 -0.83 -25.23 16.20
C ARG A 10 0.30 -24.22 15.92
N ALA A 11 0.75 -23.47 16.95
CA ALA A 11 1.89 -22.54 16.82
C ALA A 11 3.22 -23.31 16.82
N ILE A 12 4.26 -22.72 16.21
CA ILE A 12 5.61 -23.31 16.19
C ILE A 12 6.50 -22.38 17.05
N ILE A 13 7.07 -22.94 18.13
CA ILE A 13 7.93 -22.18 19.04
C ILE A 13 9.32 -22.78 18.93
N ASP A 14 10.26 -22.04 18.36
CA ASP A 14 11.61 -22.56 18.22
C ASP A 14 12.24 -22.85 19.59
N PRO A 15 12.99 -24.00 19.76
CA PRO A 15 13.60 -24.31 21.06
C PRO A 15 14.54 -23.23 21.60
N SER A 16 15.10 -22.34 20.73
CA SER A 16 15.96 -21.25 21.23
C SER A 16 15.20 -19.98 21.62
N ALA A 17 13.89 -19.90 21.32
CA ALA A 17 13.11 -18.73 21.70
C ALA A 17 12.94 -18.68 23.23
N ARG A 18 12.88 -17.48 23.82
CA ARG A 18 12.74 -17.28 25.27
C ARG A 18 11.48 -16.50 25.54
N LEU A 19 10.52 -17.13 26.25
CA LEU A 19 9.21 -16.49 26.50
C LEU A 19 8.90 -16.36 27.97
N ALA A 20 8.21 -15.27 28.37
CA ALA A 20 7.72 -15.15 29.73
C ALA A 20 6.56 -16.15 29.84
N ALA A 21 6.29 -16.67 31.02
CA ALA A 21 5.28 -17.73 31.25
C ALA A 21 3.86 -17.42 30.75
N ASP A 22 3.44 -16.17 30.74
CA ASP A 22 2.06 -15.84 30.36
C ASP A 22 1.90 -15.37 28.92
N VAL A 23 2.96 -15.50 28.08
CA VAL A 23 2.88 -15.08 26.68
C VAL A 23 1.80 -15.90 25.96
N GLN A 24 0.98 -15.24 25.14
CA GLN A 24 -0.05 -15.92 24.36
C GLN A 24 0.40 -15.95 22.95
N VAL A 25 0.25 -17.11 22.32
CA VAL A 25 0.60 -17.27 20.92
C VAL A 25 -0.57 -17.99 20.23
N GLY A 26 -1.12 -17.34 19.21
CA GLY A 26 -2.24 -17.83 18.42
C GLY A 26 -1.90 -18.98 17.47
N PRO A 27 -2.96 -19.63 16.93
CA PRO A 27 -2.73 -20.76 16.00
C PRO A 27 -1.96 -20.37 14.75
N TRP A 28 -1.09 -21.27 14.26
CA TRP A 28 -0.32 -21.13 13.02
C TRP A 28 0.62 -19.93 13.01
N SER A 29 1.10 -19.56 14.20
CA SER A 29 2.09 -18.51 14.33
C SER A 29 3.45 -19.16 14.51
N ILE A 30 4.50 -18.49 14.03
CA ILE A 30 5.88 -18.98 14.12
C ILE A 30 6.68 -18.03 14.96
N VAL A 31 7.21 -18.54 16.08
CA VAL A 31 8.12 -17.78 16.96
C VAL A 31 9.49 -18.42 16.66
N GLY A 32 10.24 -17.78 15.77
CA GLY A 32 11.52 -18.28 15.26
C GLY A 32 12.66 -18.31 16.24
N ALA A 33 13.81 -18.83 15.76
CA ALA A 33 15.02 -18.90 16.57
C ALA A 33 15.39 -17.52 17.06
N GLU A 34 15.90 -17.45 18.30
CA GLU A 34 16.44 -16.21 18.84
C GLU A 34 15.39 -15.10 19.00
N VAL A 35 14.14 -15.48 19.26
CA VAL A 35 13.09 -14.50 19.51
C VAL A 35 12.84 -14.56 21.01
N GLU A 36 12.78 -13.39 21.64
CA GLU A 36 12.54 -13.24 23.06
C GLU A 36 11.24 -12.43 23.22
N ILE A 37 10.28 -12.96 24.02
CA ILE A 37 8.97 -12.31 24.21
C ILE A 37 8.66 -12.14 25.68
N GLY A 38 8.30 -10.90 26.03
CA GLY A 38 8.05 -10.51 27.42
C GLY A 38 6.62 -10.67 27.89
N GLU A 39 6.47 -10.54 29.20
CA GLU A 39 5.27 -10.68 29.99
C GLU A 39 4.07 -9.93 29.40
N GLY A 40 2.93 -10.61 29.32
CA GLY A 40 1.68 -9.99 28.89
C GLY A 40 1.55 -9.75 27.40
N THR A 41 2.54 -10.17 26.61
CA THR A 41 2.46 -9.98 25.16
C THR A 41 1.54 -11.02 24.57
N VAL A 42 0.74 -10.58 23.61
CA VAL A 42 -0.18 -11.42 22.87
C VAL A 42 0.24 -11.40 21.41
N ILE A 43 0.54 -12.59 20.89
CA ILE A 43 0.82 -12.84 19.47
C ILE A 43 -0.43 -13.46 18.90
N GLY A 44 -0.98 -12.83 17.85
CA GLY A 44 -2.19 -13.32 17.22
C GLY A 44 -1.94 -14.59 16.40
N PRO A 45 -2.93 -14.99 15.60
CA PRO A 45 -2.75 -16.16 14.72
C PRO A 45 -1.99 -15.74 13.47
N HIS A 46 -1.38 -16.68 12.70
CA HIS A 46 -0.72 -16.35 11.44
C HIS A 46 0.36 -15.25 11.55
N VAL A 47 1.12 -15.26 12.62
CA VAL A 47 2.17 -14.24 12.75
C VAL A 47 3.52 -14.90 12.52
N VAL A 48 4.43 -14.20 11.83
CA VAL A 48 5.78 -14.70 11.64
C VAL A 48 6.74 -13.81 12.43
N LEU A 49 7.40 -14.39 13.46
CA LEU A 49 8.40 -13.70 14.23
C LEU A 49 9.73 -14.33 13.90
N LYS A 50 10.71 -13.49 13.53
CA LYS A 50 12.07 -13.93 13.22
C LYS A 50 13.03 -13.14 14.09
N GLY A 51 14.14 -13.76 14.48
CA GLY A 51 15.12 -13.12 15.35
C GLY A 51 16.47 -12.93 14.69
N PRO A 52 17.47 -12.42 15.43
CA PRO A 52 17.47 -12.01 16.86
C PRO A 52 16.53 -10.82 17.13
N THR A 53 15.47 -11.09 17.91
CA THR A 53 14.46 -10.08 18.22
C THR A 53 14.06 -10.14 19.69
N LYS A 54 13.92 -8.97 20.28
CA LYS A 54 13.37 -8.84 21.61
C LYS A 54 12.09 -8.07 21.48
N ILE A 55 11.00 -8.66 21.98
CA ILE A 55 9.67 -8.03 22.07
C ILE A 55 9.42 -7.92 23.56
N GLY A 56 9.08 -6.72 24.02
CA GLY A 56 8.87 -6.50 25.44
C GLY A 56 7.53 -6.95 25.97
N LYS A 57 7.06 -6.20 26.97
CA LYS A 57 5.86 -6.48 27.74
C LYS A 57 4.61 -5.83 27.18
N HIS A 58 3.47 -6.54 27.35
CA HIS A 58 2.13 -6.03 27.03
C HIS A 58 1.96 -5.51 25.62
N ASN A 59 2.59 -6.20 24.67
CA ASN A 59 2.49 -5.90 23.25
C ASN A 59 1.40 -6.74 22.66
N ARG A 60 0.90 -6.33 21.50
CA ARG A 60 -0.10 -7.09 20.78
C ARG A 60 0.33 -7.04 19.34
N ILE A 61 0.50 -8.22 18.72
CA ILE A 61 0.92 -8.34 17.32
C ILE A 61 -0.13 -9.12 16.58
N TYR A 62 -0.73 -8.49 15.56
CA TYR A 62 -1.83 -9.08 14.79
C TYR A 62 -1.38 -9.93 13.63
N GLN A 63 -2.33 -10.73 13.14
CA GLN A 63 -2.24 -11.66 12.01
C GLN A 63 -1.54 -11.13 10.78
N PHE A 64 -0.77 -12.01 10.08
CA PHE A 64 -0.12 -11.74 8.79
C PHE A 64 1.03 -10.73 8.89
N SER A 65 1.49 -10.44 10.10
CA SER A 65 2.63 -9.56 10.31
C SER A 65 3.88 -10.42 10.19
N SER A 66 5.00 -9.82 9.70
CA SER A 66 6.32 -10.43 9.58
C SER A 66 7.27 -9.50 10.33
N VAL A 67 7.57 -9.87 11.59
CA VAL A 67 8.36 -9.04 12.51
C VAL A 67 9.71 -9.68 12.77
N GLY A 68 10.77 -8.95 12.41
CA GLY A 68 12.14 -9.40 12.62
C GLY A 68 12.81 -9.95 11.38
N GLU A 69 12.45 -9.39 10.21
CA GLU A 69 12.99 -9.78 8.91
C GLU A 69 14.40 -9.26 8.71
N ASP A 70 15.13 -9.90 7.78
CA ASP A 70 16.53 -9.63 7.48
C ASP A 70 16.84 -8.18 7.07
N THR A 71 18.03 -7.70 7.47
CA THR A 71 18.62 -6.41 7.09
C THR A 71 19.12 -6.67 5.65
N PRO A 72 18.70 -5.87 4.64
CA PRO A 72 19.13 -6.14 3.25
C PRO A 72 20.58 -5.80 2.83
N ASP A 73 21.32 -5.00 3.61
CA ASP A 73 22.64 -4.50 3.18
C ASP A 73 23.80 -4.72 4.18
N LEU A 74 24.09 -5.98 4.53
CA LEU A 74 25.18 -6.30 5.46
C LEU A 74 26.56 -6.04 4.83
N LYS A 75 27.57 -5.68 5.66
CA LYS A 75 28.96 -5.45 5.21
C LYS A 75 29.58 -6.81 4.86
N TYR A 76 29.20 -7.85 5.62
CA TYR A 76 29.67 -9.22 5.47
C TYR A 76 28.57 -10.20 5.88
N LYS A 77 28.61 -11.43 5.35
CA LYS A 77 27.61 -12.47 5.65
C LYS A 77 27.70 -12.99 7.09
N GLY A 78 26.58 -12.97 7.79
CA GLY A 78 26.49 -13.42 9.17
C GLY A 78 26.69 -12.33 10.20
N GLU A 79 26.87 -11.07 9.74
CA GLU A 79 27.04 -9.89 10.59
C GLU A 79 25.87 -9.81 11.57
N PRO A 80 26.13 -9.81 12.89
CA PRO A 80 25.02 -9.78 13.88
C PRO A 80 24.03 -8.64 13.67
N THR A 81 22.73 -8.96 13.77
CA THR A 81 21.62 -8.02 13.62
C THR A 81 20.65 -8.21 14.75
N ARG A 82 19.76 -7.24 14.96
CA ARG A 82 18.79 -7.30 16.04
C ARG A 82 17.67 -6.33 15.79
N LEU A 83 16.50 -6.70 16.31
CA LEU A 83 15.31 -5.86 16.39
C LEU A 83 14.94 -5.84 17.87
N VAL A 84 14.65 -4.64 18.40
CA VAL A 84 14.26 -4.48 19.79
C VAL A 84 12.96 -3.68 19.82
N ILE A 85 11.91 -4.31 20.37
CA ILE A 85 10.58 -3.71 20.54
C ILE A 85 10.35 -3.56 22.06
N GLY A 86 9.88 -2.38 22.48
CA GLY A 86 9.61 -2.10 23.88
C GLY A 86 8.29 -2.64 24.36
N ASP A 87 7.60 -1.85 25.18
CA ASP A 87 6.37 -2.25 25.86
C ASP A 87 5.13 -1.52 25.40
N HIS A 88 3.95 -2.16 25.58
CA HIS A 88 2.63 -1.55 25.29
C HIS A 88 2.45 -1.05 23.85
N ASN A 89 3.03 -1.77 22.91
CA ASN A 89 2.91 -1.43 21.49
C ASN A 89 1.83 -2.25 20.88
N VAL A 90 1.23 -1.73 19.79
CA VAL A 90 0.22 -2.44 19.03
C VAL A 90 0.78 -2.48 17.62
N ILE A 91 0.96 -3.70 17.09
CA ILE A 91 1.41 -3.92 15.72
C ILE A 91 0.22 -4.59 15.03
N ARG A 92 -0.44 -3.86 14.13
CA ARG A 92 -1.63 -4.35 13.44
C ARG A 92 -1.29 -5.38 12.36
N GLU A 93 -2.29 -5.85 11.64
CA GLU A 93 -2.14 -6.89 10.65
C GLU A 93 -1.27 -6.51 9.45
N GLY A 94 -0.45 -7.47 9.00
CA GLY A 94 0.37 -7.31 7.81
C GLY A 94 1.57 -6.37 7.91
N VAL A 95 1.87 -5.95 9.10
CA VAL A 95 3.00 -5.03 9.36
C VAL A 95 4.33 -5.80 9.12
N THR A 96 5.30 -5.14 8.48
CA THR A 96 6.63 -5.72 8.23
C THR A 96 7.68 -4.89 8.95
N ILE A 97 8.54 -5.55 9.75
CA ILE A 97 9.59 -4.87 10.55
C ILE A 97 10.87 -5.63 10.34
N HIS A 98 11.90 -4.94 9.86
CA HIS A 98 13.21 -5.54 9.61
C HIS A 98 14.17 -5.22 10.74
N ARG A 99 15.12 -6.12 10.95
CA ARG A 99 16.16 -6.01 11.96
C ARG A 99 17.21 -5.01 11.46
N GLY A 100 18.13 -4.64 12.36
CA GLY A 100 19.25 -3.76 12.06
C GLY A 100 20.57 -4.29 12.59
N THR A 101 21.70 -3.77 12.07
CA THR A 101 23.06 -4.18 12.44
C THR A 101 23.45 -3.73 13.87
N VAL A 102 24.00 -4.66 14.67
CA VAL A 102 24.42 -4.44 16.06
C VAL A 102 25.73 -3.61 16.12
N GLN A 103 26.77 -4.07 15.39
CA GLN A 103 28.15 -3.54 15.30
C GLN A 103 28.31 -2.02 15.36
N ASP A 104 27.69 -1.34 14.39
CA ASP A 104 27.73 0.12 14.16
C ASP A 104 26.56 0.85 14.83
N ARG A 105 25.96 0.20 15.85
CA ARG A 105 24.82 0.67 16.62
C ARG A 105 23.67 1.21 15.74
N ALA A 106 23.24 0.35 14.81
CA ALA A 106 22.19 0.68 13.88
C ALA A 106 21.05 -0.37 13.97
N GLU A 107 20.79 -0.93 15.19
CA GLU A 107 19.69 -1.93 15.36
C GLU A 107 18.36 -1.27 15.07
N THR A 108 17.34 -2.05 14.66
CA THR A 108 15.99 -1.47 14.53
C THR A 108 15.43 -1.45 15.93
N THR A 109 14.99 -0.30 16.42
CA THR A 109 14.45 -0.21 17.77
C THR A 109 13.13 0.55 17.78
N ILE A 110 12.19 0.05 18.56
CA ILE A 110 10.84 0.62 18.76
C ILE A 110 10.68 0.74 20.28
N GLY A 111 10.28 1.92 20.73
CA GLY A 111 10.11 2.16 22.15
C GLY A 111 8.78 1.65 22.63
N ASP A 112 8.10 2.49 23.39
CA ASP A 112 6.86 2.15 24.08
C ASP A 112 5.63 2.88 23.63
N HIS A 113 4.46 2.24 23.83
CA HIS A 113 3.16 2.85 23.55
C HIS A 113 2.98 3.33 22.11
N ASN A 114 3.57 2.61 21.16
CA ASN A 114 3.43 2.93 19.74
C ASN A 114 2.29 2.17 19.13
N LEU A 115 1.76 2.72 18.05
CA LEU A 115 0.68 2.13 17.29
C LEU A 115 1.11 2.10 15.84
N ILE A 116 1.32 0.90 15.30
CA ILE A 116 1.82 0.66 13.94
C ILE A 116 0.72 -0.09 13.27
N MET A 117 0.01 0.65 12.41
CA MET A 117 -1.21 0.20 11.82
C MET A 117 -0.99 -0.67 10.61
N ALA A 118 -2.08 -1.25 10.08
CA ALA A 118 -2.05 -2.30 9.07
C ALA A 118 -1.14 -2.03 7.89
N TYR A 119 -0.29 -3.05 7.53
CA TYR A 119 0.64 -3.04 6.39
C TYR A 119 1.68 -1.93 6.43
N ALA A 120 1.89 -1.31 7.62
CA ALA A 120 2.96 -0.32 7.74
C ALA A 120 4.29 -1.10 7.62
N HIS A 121 5.35 -0.41 7.21
CA HIS A 121 6.66 -1.03 7.00
C HIS A 121 7.73 -0.24 7.72
N ILE A 122 8.52 -0.92 8.54
CA ILE A 122 9.63 -0.34 9.28
C ILE A 122 10.92 -0.96 8.75
N GLY A 123 11.61 -0.21 7.89
CA GLY A 123 12.82 -0.69 7.25
C GLY A 123 13.97 -0.80 8.22
N HIS A 124 14.97 -1.59 7.83
CA HIS A 124 16.18 -1.83 8.63
C HIS A 124 16.78 -0.57 9.22
N ASP A 125 17.29 -0.68 10.47
CA ASP A 125 18.02 0.39 11.16
C ASP A 125 17.18 1.58 11.50
N SER A 126 15.86 1.45 11.48
CA SER A 126 14.98 2.56 11.85
C SER A 126 14.83 2.59 13.37
N VAL A 127 14.59 3.78 13.95
CA VAL A 127 14.48 3.99 15.39
C VAL A 127 13.18 4.76 15.65
N ILE A 128 12.20 4.12 16.31
CA ILE A 128 10.93 4.74 16.68
C ILE A 128 10.96 4.95 18.19
N GLY A 129 10.60 6.16 18.62
CA GLY A 129 10.56 6.50 20.04
C GLY A 129 9.35 5.90 20.73
N ASN A 130 8.60 6.78 21.40
CA ASN A 130 7.44 6.47 22.23
C ASN A 130 6.20 7.21 21.77
N HIS A 131 5.02 6.61 21.99
CA HIS A 131 3.72 7.26 21.69
C HIS A 131 3.56 7.73 20.23
N CYS A 132 4.24 7.07 19.29
CA CYS A 132 4.09 7.35 17.86
C CYS A 132 2.90 6.60 17.26
N ILE A 133 2.42 7.09 16.12
CA ILE A 133 1.34 6.45 15.37
C ILE A 133 1.79 6.45 13.96
N LEU A 134 1.95 5.26 13.38
CA LEU A 134 2.28 5.09 11.98
C LEU A 134 1.02 4.49 11.42
N VAL A 135 0.26 5.31 10.69
CA VAL A 135 -1.04 4.88 10.16
C VAL A 135 -0.80 3.88 9.01
N ASN A 136 -1.85 3.17 8.63
CA ASN A 136 -1.84 2.13 7.62
C ASN A 136 -0.94 2.43 6.45
N ASN A 137 -0.08 1.46 6.11
CA ASN A 137 0.76 1.53 4.93
C ASN A 137 1.80 2.64 4.93
N THR A 138 2.08 3.21 6.10
CA THR A 138 3.21 4.12 6.24
C THR A 138 4.46 3.26 5.96
N ALA A 139 5.46 3.81 5.28
CA ALA A 139 6.65 3.04 4.98
C ALA A 139 7.89 3.85 5.26
N LEU A 140 8.77 3.29 6.12
CA LEU A 140 10.10 3.86 6.46
C LEU A 140 11.09 3.03 5.68
N ALA A 141 11.75 3.65 4.69
CA ALA A 141 12.66 2.92 3.79
C ALA A 141 13.83 2.23 4.50
N GLY A 142 14.37 2.87 5.53
CA GLY A 142 15.51 2.34 6.28
C GLY A 142 16.27 3.49 6.91
N HIS A 143 16.89 3.25 8.09
CA HIS A 143 17.65 4.28 8.81
C HIS A 143 16.79 5.51 9.10
N VAL A 144 15.50 5.33 9.40
CA VAL A 144 14.58 6.45 9.69
C VAL A 144 14.45 6.61 11.21
N HIS A 145 14.56 7.85 11.71
CA HIS A 145 14.41 8.15 13.12
C HIS A 145 13.07 8.84 13.33
N VAL A 146 12.19 8.23 14.12
CA VAL A 146 10.87 8.79 14.40
C VAL A 146 10.88 9.11 15.90
N ASP A 147 10.89 10.40 16.23
CA ASP A 147 10.89 10.85 17.62
C ASP A 147 9.50 10.79 18.21
N ASP A 148 9.42 10.94 19.53
CA ASP A 148 8.20 10.82 20.34
C ASP A 148 7.01 11.60 19.84
N TRP A 149 5.86 10.95 19.91
CA TRP A 149 4.56 11.52 19.58
C TRP A 149 4.37 11.93 18.11
N ALA A 150 5.25 11.50 17.18
CA ALA A 150 4.99 11.76 15.75
C ALA A 150 3.75 10.99 15.29
N ILE A 151 3.00 11.58 14.35
CA ILE A 151 1.85 10.93 13.73
C ILE A 151 2.12 10.97 12.25
N LEU A 152 2.27 9.81 11.63
CA LEU A 152 2.45 9.70 10.20
C LEU A 152 1.15 9.16 9.65
N SER A 153 0.37 10.01 8.92
CA SER A 153 -0.95 9.61 8.39
C SER A 153 -0.79 8.53 7.34
N GLY A 154 -1.91 7.89 7.00
CA GLY A 154 -1.94 6.73 6.12
C GLY A 154 -1.13 6.93 4.87
N TYR A 155 -0.34 5.87 4.52
CA TYR A 155 0.45 5.86 3.27
C TYR A 155 1.53 6.95 3.19
N THR A 156 2.09 7.35 4.32
CA THR A 156 3.21 8.30 4.33
C THR A 156 4.47 7.47 3.98
N LEU A 157 5.29 7.96 3.05
CA LEU A 157 6.51 7.30 2.61
C LEU A 157 7.66 8.12 3.09
N VAL A 158 8.65 7.46 3.69
CA VAL A 158 9.79 8.17 4.25
C VAL A 158 11.08 7.67 3.65
N HIS A 159 11.81 8.57 2.98
CA HIS A 159 13.10 8.30 2.37
C HIS A 159 14.09 7.83 3.47
N GLN A 160 15.04 6.98 3.08
CA GLN A 160 16.09 6.53 3.98
C GLN A 160 16.81 7.72 4.61
N TYR A 161 17.24 7.56 5.86
CA TYR A 161 18.02 8.50 6.68
C TYR A 161 17.24 9.73 7.13
N CYS A 162 15.94 9.82 6.81
CA CYS A 162 15.17 10.97 7.26
C CYS A 162 14.88 10.87 8.74
N ARG A 163 14.79 12.02 9.38
CA ARG A 163 14.46 12.18 10.78
C ARG A 163 13.11 12.85 10.85
N ILE A 164 12.19 12.24 11.60
CA ILE A 164 10.82 12.76 11.81
C ILE A 164 10.81 13.30 13.25
N GLY A 165 10.65 14.61 13.41
CA GLY A 165 10.71 15.22 14.74
C GLY A 165 9.58 14.87 15.69
N ALA A 166 9.83 15.10 16.96
CA ALA A 166 8.85 14.85 18.02
C ALA A 166 7.60 15.68 17.77
N HIS A 167 6.42 15.06 17.99
CA HIS A 167 5.12 15.71 17.87
C HIS A 167 4.83 16.27 16.47
N SER A 168 5.55 15.78 15.45
CA SER A 168 5.34 16.25 14.08
C SER A 168 4.19 15.47 13.46
N PHE A 169 3.72 15.93 12.28
CA PHE A 169 2.57 15.32 11.63
C PHE A 169 2.73 15.33 10.13
N SER A 170 2.44 14.20 9.48
CA SER A 170 2.42 14.14 8.02
C SER A 170 0.98 13.88 7.63
N GLY A 171 0.55 14.54 6.57
CA GLY A 171 -0.77 14.32 5.99
C GLY A 171 -0.80 13.03 5.20
N MET A 172 -2.00 12.53 4.88
CA MET A 172 -2.09 11.25 4.19
C MET A 172 -1.42 11.27 2.80
N GLY A 173 -0.69 10.21 2.47
CA GLY A 173 -0.03 10.12 1.17
C GLY A 173 1.17 11.03 1.00
N SER A 174 1.76 11.53 2.11
CA SER A 174 2.97 12.38 2.07
C SER A 174 4.17 11.56 1.64
N ALA A 175 5.04 12.13 0.82
CA ALA A 175 6.26 11.46 0.40
C ALA A 175 7.37 12.37 0.96
N ILE A 176 7.94 11.93 2.09
CA ILE A 176 8.96 12.67 2.83
C ILE A 176 10.39 12.32 2.35
N GLY A 177 11.07 13.32 1.80
CA GLY A 177 12.43 13.13 1.30
C GLY A 177 13.50 13.84 2.11
N LYS A 178 13.09 14.76 3.00
CA LYS A 178 13.99 15.56 3.84
C LYS A 178 13.56 15.41 5.29
N ASP A 179 14.28 16.01 6.24
CA ASP A 179 13.92 15.90 7.66
C ASP A 179 12.69 16.70 8.00
N VAL A 180 11.89 16.18 8.93
CA VAL A 180 10.70 16.91 9.37
C VAL A 180 11.03 17.45 10.76
N PRO A 181 11.16 18.78 10.94
CA PRO A 181 11.47 19.29 12.29
C PRO A 181 10.34 18.94 13.26
N ALA A 182 10.62 18.95 14.56
CA ALA A 182 9.65 18.70 15.62
C ALA A 182 8.44 19.60 15.44
N TYR A 183 7.24 19.08 15.75
CA TYR A 183 5.92 19.78 15.67
C TYR A 183 5.44 20.14 14.29
N VAL A 184 6.31 20.10 13.28
CA VAL A 184 5.93 20.55 11.93
C VAL A 184 4.91 19.61 11.26
N THR A 185 3.93 20.20 10.55
CA THR A 185 2.95 19.47 9.77
C THR A 185 3.39 19.54 8.30
N VAL A 186 3.46 18.38 7.65
CA VAL A 186 3.91 18.25 6.25
C VAL A 186 2.87 17.51 5.41
N PHE A 187 2.73 17.90 4.13
CA PHE A 187 1.72 17.34 3.23
C PHE A 187 2.25 17.25 1.82
N GLY A 188 1.72 16.28 1.07
CA GLY A 188 1.99 16.14 -0.36
C GLY A 188 3.15 15.27 -0.76
N ASN A 189 3.28 15.13 -2.08
CA ASN A 189 4.33 14.35 -2.73
C ASN A 189 4.91 15.27 -3.83
N PRO A 190 6.10 15.91 -3.62
CA PRO A 190 6.98 15.84 -2.43
C PRO A 190 6.40 16.59 -1.22
N ALA A 191 6.70 16.12 0.02
CA ALA A 191 6.19 16.78 1.23
C ALA A 191 6.60 18.23 1.32
N GLU A 192 5.70 19.07 1.84
CA GLU A 192 5.94 20.51 2.05
C GLU A 192 5.45 20.83 3.44
N ALA A 193 6.18 21.74 4.13
CA ALA A 193 5.82 22.23 5.46
C ALA A 193 4.64 23.17 5.33
N ARG A 194 3.65 23.02 6.22
CA ARG A 194 2.46 23.88 6.20
C ARG A 194 2.38 24.72 7.47
N SER A 195 2.47 24.07 8.64
CA SER A 195 2.33 24.74 9.91
C SER A 195 2.95 23.86 11.01
N MET A 196 2.43 23.98 12.23
CA MET A 196 2.80 23.18 13.37
C MET A 196 1.56 22.52 13.94
N ASN A 197 1.74 21.40 14.64
CA ASN A 197 0.62 20.69 15.23
C ASN A 197 0.31 21.26 16.61
N PHE A 198 -0.33 22.44 16.62
CA PHE A 198 -0.75 23.17 17.83
C PHE A 198 -1.80 22.38 18.59
N GLU A 199 -2.64 21.63 17.86
CA GLU A 199 -3.67 20.75 18.41
C GLU A 199 -3.03 19.74 19.36
N GLY A 200 -2.00 19.01 18.88
CA GLY A 200 -1.24 18.04 19.65
C GLY A 200 -0.58 18.68 20.87
N MET A 201 -0.03 19.91 20.71
CA MET A 201 0.61 20.64 21.82
C MET A 201 -0.43 20.88 22.93
N ARG A 202 -1.66 21.19 22.56
CA ARG A 202 -2.72 21.45 23.52
C ARG A 202 -3.17 20.19 24.23
N ARG A 203 -3.27 19.08 23.47
CA ARG A 203 -3.64 17.77 24.03
C ARG A 203 -2.58 17.31 25.01
N ARG A 204 -1.29 17.63 24.73
CA ARG A 204 -0.15 17.31 25.58
C ARG A 204 0.03 18.26 26.77
N GLY A 205 -0.86 19.26 26.90
CA GLY A 205 -0.82 20.20 28.03
C GLY A 205 0.26 21.26 27.98
N PHE A 206 0.79 21.61 26.78
CA PHE A 206 1.81 22.68 26.67
C PHE A 206 1.21 24.01 27.12
N SER A 207 2.01 24.86 27.80
CA SER A 207 1.54 26.19 28.20
C SER A 207 1.29 27.04 26.93
N SER A 208 0.42 28.05 27.05
CA SER A 208 0.11 28.98 25.96
C SER A 208 1.37 29.75 25.55
N GLU A 209 2.27 30.02 26.52
CA GLU A 209 3.56 30.71 26.31
C GLU A 209 4.51 29.84 25.46
N ALA A 210 4.56 28.52 25.72
CA ALA A 210 5.38 27.58 24.93
C ALA A 210 4.84 27.49 23.49
N ILE A 211 3.49 27.45 23.34
CA ILE A 211 2.81 27.40 22.04
C ILE A 211 3.08 28.70 21.27
N HIS A 212 2.99 29.83 21.96
CA HIS A 212 3.28 31.15 21.41
C HIS A 212 4.74 31.22 20.92
N ALA A 213 5.71 30.72 21.72
CA ALA A 213 7.13 30.70 21.38
C ALA A 213 7.40 29.75 20.20
N LEU A 214 6.65 28.60 20.11
CA LEU A 214 6.79 27.68 18.99
C LEU A 214 6.22 28.25 17.70
N ARG A 215 5.09 28.97 17.79
CA ARG A 215 4.47 29.65 16.65
C ARG A 215 5.46 30.69 16.09
N ARG A 216 6.11 31.47 16.98
CA ARG A 216 7.11 32.47 16.60
C ARG A 216 8.35 31.77 16.00
N ALA A 217 8.75 30.62 16.57
CA ALA A 217 9.89 29.82 16.10
C ALA A 217 9.73 29.34 14.65
N TYR A 218 8.50 28.91 14.27
CA TYR A 218 8.13 28.45 12.91
C TYR A 218 8.33 29.59 11.89
N LYS A 219 7.93 30.79 12.27
CA LYS A 219 8.04 32.00 11.43
C LYS A 219 9.50 32.35 11.17
N VAL A 220 10.36 32.27 12.20
CA VAL A 220 11.81 32.53 12.15
C VAL A 220 12.47 31.60 11.10
N VAL A 221 12.14 30.31 11.15
CA VAL A 221 12.66 29.30 10.25
C VAL A 221 12.07 29.36 8.83
N TYR A 222 10.73 29.50 8.73
CA TYR A 222 10.03 29.38 7.46
C TYR A 222 9.46 30.62 6.79
N ARG A 223 9.08 31.65 7.55
CA ARG A 223 8.36 32.79 6.95
C ARG A 223 9.14 34.12 6.91
N GLN A 224 10.42 34.12 7.34
CA GLN A 224 11.22 35.33 7.41
C GLN A 224 12.50 35.36 6.54
N GLY A 225 12.49 34.61 5.43
CA GLY A 225 13.59 34.55 4.47
C GLY A 225 14.99 34.27 4.99
N HIS A 226 15.11 33.72 6.20
CA HIS A 226 16.41 33.39 6.81
C HIS A 226 16.94 32.09 6.29
N THR A 227 18.26 31.92 6.41
CA THR A 227 18.96 30.67 6.11
C THR A 227 18.82 29.84 7.38
N VAL A 228 19.07 28.53 7.30
CA VAL A 228 19.00 27.62 8.44
C VAL A 228 19.95 28.08 9.54
N GLU A 229 21.20 28.47 9.16
CA GLU A 229 22.22 28.99 10.08
C GLU A 229 21.72 30.26 10.80
N GLU A 230 21.06 31.19 10.05
CA GLU A 230 20.49 32.45 10.57
C GLU A 230 19.36 32.15 11.55
N ALA A 231 18.48 31.19 11.18
CA ALA A 231 17.33 30.77 11.98
C ALA A 231 17.79 30.15 13.31
N LEU A 232 18.77 29.23 13.26
CA LEU A 232 19.32 28.57 14.45
C LEU A 232 19.92 29.55 15.46
N ALA A 233 20.55 30.61 14.97
CA ALA A 233 21.15 31.68 15.77
C ALA A 233 20.06 32.55 16.43
N GLU A 234 18.99 32.89 15.68
CA GLU A 234 17.87 33.70 16.17
C GLU A 234 17.03 32.92 17.20
N LEU A 235 16.96 31.59 17.07
CA LEU A 235 16.17 30.71 17.95
C LEU A 235 16.86 30.40 19.27
N ALA A 236 18.20 30.63 19.35
CA ALA A 236 19.04 30.31 20.52
C ALA A 236 18.49 30.80 21.85
N GLU A 237 18.14 32.11 21.93
CA GLU A 237 17.58 32.73 23.13
C GLU A 237 16.30 32.02 23.57
N SER A 238 15.29 31.89 22.69
CA SER A 238 14.02 31.19 22.98
C SER A 238 14.22 29.72 23.41
N ALA A 239 15.12 28.98 22.72
CA ALA A 239 15.44 27.57 22.99
C ALA A 239 16.03 27.34 24.38
N ALA A 240 16.85 28.29 24.87
CA ALA A 240 17.46 28.21 26.21
C ALA A 240 16.40 28.36 27.30
N GLN A 241 15.27 29.03 26.95
CA GLN A 241 14.19 29.35 27.87
C GLN A 241 13.04 28.34 27.87
N PHE A 242 12.65 27.83 26.68
CA PHE A 242 11.58 26.86 26.55
C PHE A 242 12.14 25.54 26.07
N PRO A 243 12.07 24.47 26.89
CA PRO A 243 12.55 23.16 26.44
C PRO A 243 11.87 22.72 25.13
N GLU A 244 10.57 23.09 24.95
CA GLU A 244 9.81 22.78 23.73
C GLU A 244 10.43 23.46 22.51
N VAL A 245 10.95 24.70 22.66
CA VAL A 245 11.62 25.41 21.56
C VAL A 245 13.03 24.78 21.29
N ALA A 246 13.71 24.29 22.35
CA ALA A 246 15.00 23.59 22.18
C ALA A 246 14.79 22.30 21.38
N VAL A 247 13.65 21.59 21.61
CA VAL A 247 13.25 20.37 20.88
C VAL A 247 13.17 20.72 19.37
N PHE A 248 12.50 21.83 19.05
CA PHE A 248 12.38 22.31 17.67
C PHE A 248 13.74 22.67 17.08
N ARG A 249 14.52 23.55 17.79
CA ARG A 249 15.86 24.00 17.40
C ARG A 249 16.83 22.84 17.16
N ASP A 250 16.84 21.86 18.07
CA ASP A 250 17.69 20.65 17.98
C ASP A 250 17.35 19.81 16.76
N SER A 251 16.05 19.70 16.41
CA SER A 251 15.65 18.94 15.23
C SER A 251 16.14 19.61 13.93
N ILE A 252 16.22 20.95 13.89
CA ILE A 252 16.74 21.66 12.70
C ILE A 252 18.28 21.53 12.63
N GLN A 253 18.94 21.52 13.82
CA GLN A 253 20.38 21.41 14.00
C GLN A 253 20.91 20.03 13.55
N SER A 254 20.19 18.97 13.92
CA SER A 254 20.50 17.58 13.61
C SER A 254 20.02 17.11 12.22
N ALA A 255 19.40 18.01 11.42
CA ALA A 255 18.94 17.67 10.08
C ALA A 255 20.13 17.43 9.11
N THR A 256 20.24 16.20 8.55
CA THR A 256 21.34 15.86 7.63
C THR A 256 20.91 15.93 6.15
N ARG A 257 19.59 15.95 5.90
CA ARG A 257 19.02 15.96 4.56
C ARG A 257 18.37 17.31 4.25
N GLY A 258 18.58 18.28 5.13
CA GLY A 258 17.95 19.58 5.05
C GLY A 258 16.56 19.43 5.64
N ILE A 259 15.89 20.53 5.88
CA ILE A 259 14.54 20.45 6.46
C ILE A 259 13.48 20.52 5.38
N THR A 260 12.33 19.89 5.60
CA THR A 260 11.20 19.91 4.67
C THR A 260 10.70 21.37 4.65
N ARG A 261 10.56 21.96 3.47
CA ARG A 261 10.14 23.35 3.35
C ARG A 261 8.76 23.51 2.68
N MET B 4 -14.38 -34.04 0.16
CA MET B 4 -13.95 -32.99 1.07
C MET B 4 -15.13 -32.17 1.62
N SER B 5 -15.09 -31.86 2.93
CA SER B 5 -16.12 -31.11 3.64
C SER B 5 -16.21 -29.64 3.15
N LEU B 6 -17.44 -29.08 3.14
CA LEU B 6 -17.68 -27.68 2.77
C LEU B 6 -16.90 -26.77 3.73
N ILE B 7 -16.96 -27.10 5.02
CA ILE B 7 -16.22 -26.42 6.07
C ILE B 7 -14.97 -27.24 6.31
N ASP B 8 -13.82 -26.71 5.91
CA ASP B 8 -12.55 -27.43 6.04
C ASP B 8 -12.27 -27.80 7.51
N PRO B 9 -11.85 -29.05 7.84
CA PRO B 9 -11.59 -29.40 9.26
C PRO B 9 -10.46 -28.58 9.93
N ARG B 10 -9.60 -27.92 9.14
CA ARG B 10 -8.49 -27.10 9.65
C ARG B 10 -8.93 -25.68 9.98
N ALA B 11 -10.16 -25.30 9.63
CA ALA B 11 -10.72 -24.00 9.97
C ALA B 11 -11.20 -23.99 11.42
N ILE B 12 -11.28 -22.82 12.05
CA ILE B 12 -11.79 -22.66 13.41
C ILE B 12 -13.14 -21.93 13.30
N ILE B 13 -14.21 -22.59 13.71
CA ILE B 13 -15.57 -22.03 13.65
C ILE B 13 -16.08 -21.91 15.06
N ASP B 14 -16.34 -20.70 15.52
CA ASP B 14 -16.86 -20.47 16.86
C ASP B 14 -18.27 -21.09 16.96
N PRO B 15 -18.64 -21.69 18.12
CA PRO B 15 -20.00 -22.26 18.25
C PRO B 15 -21.14 -21.27 18.04
N SER B 16 -20.90 -19.96 18.27
CA SER B 16 -21.94 -18.93 18.12
C SER B 16 -22.05 -18.41 16.68
N ALA B 17 -21.10 -18.78 15.80
CA ALA B 17 -21.19 -18.40 14.39
C ALA B 17 -22.39 -19.17 13.76
N ARG B 18 -23.05 -18.55 12.79
CA ARG B 18 -24.20 -19.11 12.08
C ARG B 18 -23.93 -19.07 10.59
N LEU B 19 -23.75 -20.23 9.98
CA LEU B 19 -23.43 -20.32 8.56
C LEU B 19 -24.56 -21.05 7.86
N ALA B 20 -25.04 -20.54 6.71
CA ALA B 20 -26.04 -21.24 5.92
C ALA B 20 -25.43 -22.61 5.50
N ALA B 21 -26.25 -23.66 5.40
CA ALA B 21 -25.80 -25.05 5.15
C ALA B 21 -24.75 -25.25 4.02
N ASP B 22 -24.81 -24.47 2.90
CA ASP B 22 -23.90 -24.66 1.77
C ASP B 22 -22.62 -23.76 1.78
N VAL B 23 -22.35 -23.06 2.89
CA VAL B 23 -21.20 -22.18 3.04
C VAL B 23 -19.88 -22.99 3.01
N GLN B 24 -18.89 -22.48 2.27
CA GLN B 24 -17.53 -23.04 2.19
C GLN B 24 -16.57 -22.18 2.98
N VAL B 25 -15.72 -22.84 3.75
CA VAL B 25 -14.69 -22.18 4.54
C VAL B 25 -13.42 -22.97 4.28
N GLY B 26 -12.39 -22.28 3.79
CA GLY B 26 -11.09 -22.87 3.49
C GLY B 26 -10.26 -23.19 4.72
N PRO B 27 -9.14 -23.93 4.54
CA PRO B 27 -8.29 -24.29 5.70
C PRO B 27 -7.66 -23.08 6.39
N TRP B 28 -7.43 -23.20 7.71
CA TRP B 28 -6.80 -22.19 8.57
C TRP B 28 -7.51 -20.86 8.59
N SER B 29 -8.83 -20.90 8.35
CA SER B 29 -9.64 -19.69 8.45
C SER B 29 -10.27 -19.67 9.81
N ILE B 30 -10.58 -18.47 10.31
CA ILE B 30 -11.22 -18.32 11.63
C ILE B 30 -12.53 -17.60 11.42
N VAL B 31 -13.64 -18.20 11.88
CA VAL B 31 -14.97 -17.58 11.82
C VAL B 31 -15.32 -17.37 13.27
N GLY B 32 -15.14 -16.13 13.73
CA GLY B 32 -15.31 -15.77 15.13
C GLY B 32 -16.74 -15.77 15.62
N ALA B 33 -16.89 -15.54 16.93
CA ALA B 33 -18.19 -15.44 17.59
C ALA B 33 -19.01 -14.34 16.91
N GLU B 34 -20.31 -14.52 16.85
CA GLU B 34 -21.28 -13.55 16.33
C GLU B 34 -21.05 -13.19 14.83
N VAL B 35 -20.54 -14.14 14.06
CA VAL B 35 -20.37 -13.95 12.63
C VAL B 35 -21.45 -14.81 11.97
N GLU B 36 -22.27 -14.18 11.12
CA GLU B 36 -23.33 -14.84 10.36
C GLU B 36 -22.93 -14.81 8.89
N ILE B 37 -23.03 -15.97 8.21
CA ILE B 37 -22.65 -16.06 6.81
C ILE B 37 -23.80 -16.66 6.03
N GLY B 38 -24.27 -15.95 5.01
CA GLY B 38 -25.38 -16.36 4.16
C GLY B 38 -25.03 -17.38 3.09
N GLU B 39 -26.07 -17.89 2.44
CA GLU B 39 -26.05 -18.95 1.40
C GLU B 39 -25.15 -18.67 0.20
N GLY B 40 -24.39 -19.70 -0.19
CA GLY B 40 -23.52 -19.63 -1.36
C GLY B 40 -22.27 -18.81 -1.16
N THR B 41 -22.00 -18.33 0.09
CA THR B 41 -20.78 -17.59 0.38
C THR B 41 -19.60 -18.56 0.47
N VAL B 42 -18.48 -18.14 -0.12
CA VAL B 42 -17.23 -18.89 -0.14
C VAL B 42 -16.18 -18.08 0.61
N ILE B 43 -15.72 -18.67 1.71
CA ILE B 43 -14.62 -18.10 2.49
C ILE B 43 -13.39 -18.92 2.12
N GLY B 44 -12.36 -18.22 1.64
CA GLY B 44 -11.11 -18.87 1.26
C GLY B 44 -10.27 -19.31 2.45
N PRO B 45 -9.00 -19.70 2.19
CA PRO B 45 -8.13 -20.09 3.30
C PRO B 45 -7.50 -18.88 3.98
N HIS B 46 -6.98 -19.04 5.21
CA HIS B 46 -6.26 -17.97 5.92
C HIS B 46 -7.06 -16.66 6.02
N VAL B 47 -8.39 -16.77 6.22
CA VAL B 47 -9.24 -15.61 6.37
C VAL B 47 -9.54 -15.41 7.84
N VAL B 48 -9.56 -14.16 8.31
CA VAL B 48 -9.93 -13.89 9.71
C VAL B 48 -11.27 -13.15 9.68
N LEU B 49 -12.32 -13.76 10.23
CA LEU B 49 -13.65 -13.14 10.31
C LEU B 49 -13.98 -12.90 11.76
N LYS B 50 -14.26 -11.65 12.11
CA LYS B 50 -14.56 -11.29 13.49
C LYS B 50 -15.94 -10.60 13.51
N GLY B 51 -16.68 -10.73 14.59
CA GLY B 51 -18.02 -10.16 14.65
C GLY B 51 -18.23 -9.14 15.76
N PRO B 52 -19.47 -8.65 15.99
CA PRO B 52 -20.74 -8.99 15.31
C PRO B 52 -20.71 -8.55 13.85
N THR B 53 -20.79 -9.53 12.95
CA THR B 53 -20.72 -9.31 11.52
C THR B 53 -21.75 -10.17 10.83
N LYS B 54 -22.46 -9.56 9.88
CA LYS B 54 -23.41 -10.29 9.05
C LYS B 54 -22.89 -10.20 7.62
N ILE B 55 -22.64 -11.36 7.00
CA ILE B 55 -22.22 -11.48 5.61
C ILE B 55 -23.39 -12.15 4.86
N GLY B 56 -23.80 -11.53 3.76
CA GLY B 56 -24.91 -12.03 2.94
C GLY B 56 -24.64 -13.27 2.11
N LYS B 57 -25.33 -13.35 0.99
CA LYS B 57 -25.32 -14.47 0.08
C LYS B 57 -24.39 -14.32 -1.08
N HIS B 58 -23.85 -15.45 -1.58
CA HIS B 58 -23.02 -15.49 -2.79
C HIS B 58 -21.83 -14.51 -2.75
N ASN B 59 -21.24 -14.35 -1.57
CA ASN B 59 -20.03 -13.53 -1.44
C ASN B 59 -18.78 -14.41 -1.61
N ARG B 60 -17.64 -13.77 -1.92
CA ARG B 60 -16.34 -14.42 -2.04
C ARG B 60 -15.32 -13.61 -1.23
N ILE B 61 -14.69 -14.25 -0.21
CA ILE B 61 -13.68 -13.58 0.63
C ILE B 61 -12.38 -14.37 0.53
N TYR B 62 -11.34 -13.71 0.01
CA TYR B 62 -10.03 -14.31 -0.26
C TYR B 62 -9.09 -14.27 0.91
N GLN B 63 -8.06 -15.13 0.83
CA GLN B 63 -7.00 -15.32 1.82
C GLN B 63 -6.40 -14.03 2.34
N PHE B 64 -6.00 -14.08 3.62
CA PHE B 64 -5.24 -13.03 4.32
C PHE B 64 -6.04 -11.75 4.56
N SER B 65 -7.37 -11.83 4.42
CA SER B 65 -8.31 -10.72 4.71
C SER B 65 -8.65 -10.75 6.19
N SER B 66 -8.91 -9.55 6.79
CA SER B 66 -9.37 -9.40 8.17
C SER B 66 -10.64 -8.59 8.07
N VAL B 67 -11.75 -9.30 8.19
CA VAL B 67 -13.09 -8.73 8.02
C VAL B 67 -13.80 -8.75 9.34
N GLY B 68 -14.18 -7.58 9.83
CA GLY B 68 -14.93 -7.42 11.06
C GLY B 68 -14.06 -7.00 12.21
N GLU B 69 -13.03 -6.22 11.92
CA GLU B 69 -12.08 -5.73 12.91
C GLU B 69 -12.69 -4.65 13.80
N ASP B 70 -12.10 -4.46 14.98
CA ASP B 70 -12.58 -3.51 15.98
C ASP B 70 -12.69 -2.06 15.51
N THR B 71 -13.74 -1.36 16.04
CA THR B 71 -13.99 0.06 15.81
C THR B 71 -13.08 0.81 16.81
N PRO B 72 -12.18 1.72 16.35
CA PRO B 72 -11.34 2.46 17.31
C PRO B 72 -12.06 3.57 18.10
N ASP B 73 -13.20 4.08 17.56
CA ASP B 73 -14.01 5.18 18.08
C ASP B 73 -14.67 5.00 19.47
N LEU B 74 -14.97 3.74 19.88
CA LEU B 74 -15.73 3.35 21.08
C LEU B 74 -15.86 4.42 22.18
N LYS B 75 -17.13 4.88 22.41
CA LYS B 75 -17.49 5.87 23.44
C LYS B 75 -17.36 5.25 24.83
N TYR B 76 -17.45 3.90 24.92
CA TYR B 76 -17.33 3.10 26.14
C TYR B 76 -17.03 1.64 25.78
N LYS B 77 -16.31 0.94 26.68
CA LYS B 77 -15.94 -0.47 26.47
C LYS B 77 -17.17 -1.37 26.54
N GLY B 78 -17.42 -2.06 25.43
CA GLY B 78 -18.57 -2.96 25.31
C GLY B 78 -19.73 -2.40 24.49
N GLU B 79 -19.55 -1.20 23.88
CA GLU B 79 -20.56 -0.55 23.02
C GLU B 79 -20.81 -1.48 21.81
N PRO B 80 -22.06 -1.95 21.57
CA PRO B 80 -22.30 -2.86 20.44
C PRO B 80 -21.89 -2.27 19.10
N THR B 81 -21.14 -3.07 18.34
CA THR B 81 -20.64 -2.68 17.02
C THR B 81 -21.13 -3.71 16.02
N ARG B 82 -21.13 -3.38 14.74
CA ARG B 82 -21.56 -4.31 13.70
C ARG B 82 -20.97 -3.96 12.37
N LEU B 83 -20.79 -5.00 11.56
CA LEU B 83 -20.39 -4.90 10.17
C LEU B 83 -21.44 -5.69 9.40
N VAL B 84 -22.03 -5.06 8.37
CA VAL B 84 -23.02 -5.71 7.52
C VAL B 84 -22.51 -5.67 6.09
N ILE B 85 -22.44 -6.85 5.47
CA ILE B 85 -22.05 -7.04 4.08
C ILE B 85 -23.23 -7.66 3.37
N GLY B 86 -23.57 -7.12 2.20
CA GLY B 86 -24.68 -7.61 1.39
C GLY B 86 -24.37 -8.87 0.60
N ASP B 87 -24.89 -8.93 -0.63
CA ASP B 87 -24.81 -10.10 -1.48
C ASP B 87 -23.93 -9.89 -2.69
N HIS B 88 -23.39 -10.98 -3.26
CA HIS B 88 -22.61 -10.97 -4.52
C HIS B 88 -21.42 -10.01 -4.50
N ASN B 89 -20.74 -9.90 -3.38
CA ASN B 89 -19.54 -9.08 -3.25
C ASN B 89 -18.31 -9.95 -3.40
N VAL B 90 -17.20 -9.36 -3.87
CA VAL B 90 -15.92 -10.01 -3.99
C VAL B 90 -14.96 -9.18 -3.11
N ILE B 91 -14.36 -9.81 -2.10
CA ILE B 91 -13.41 -9.20 -1.17
C ILE B 91 -12.11 -9.96 -1.39
N ARG B 92 -11.16 -9.29 -2.02
CA ARG B 92 -9.92 -9.88 -2.44
C ARG B 92 -8.92 -10.02 -1.30
N GLU B 93 -7.76 -10.55 -1.62
CA GLU B 93 -6.76 -10.87 -0.60
C GLU B 93 -6.22 -9.66 0.19
N GLY B 94 -5.99 -9.88 1.48
CA GLY B 94 -5.44 -8.88 2.38
C GLY B 94 -6.36 -7.70 2.72
N VAL B 95 -7.62 -7.74 2.36
CA VAL B 95 -8.55 -6.65 2.63
C VAL B 95 -8.82 -6.53 4.10
N THR B 96 -8.90 -5.29 4.61
CA THR B 96 -9.19 -5.04 6.02
C THR B 96 -10.48 -4.23 6.12
N ILE B 97 -11.46 -4.75 6.89
CA ILE B 97 -12.77 -4.10 7.05
C ILE B 97 -13.08 -4.04 8.52
N HIS B 98 -13.30 -2.81 9.02
CA HIS B 98 -13.60 -2.59 10.43
C HIS B 98 -15.09 -2.42 10.63
N ARG B 99 -15.57 -2.83 11.82
CA ARG B 99 -16.99 -2.69 12.18
C ARG B 99 -17.29 -1.22 12.52
N GLY B 100 -18.56 -0.92 12.80
CA GLY B 100 -19.02 0.40 13.18
C GLY B 100 -20.02 0.35 14.31
N THR B 101 -20.24 1.47 15.00
CA THR B 101 -21.14 1.55 16.17
C THR B 101 -22.66 1.49 15.78
N VAL B 102 -23.43 0.65 16.52
CA VAL B 102 -24.87 0.37 16.35
C VAL B 102 -25.79 1.52 16.86
N GLN B 103 -25.59 1.93 18.13
CA GLN B 103 -26.33 2.98 18.85
C GLN B 103 -26.66 4.23 18.02
N ASP B 104 -25.64 4.75 17.33
CA ASP B 104 -25.67 5.99 16.55
C ASP B 104 -25.87 5.75 15.05
N ARG B 105 -26.31 4.52 14.68
CA ARG B 105 -26.59 4.09 13.30
C ARG B 105 -25.38 4.36 12.39
N ALA B 106 -24.18 4.04 12.92
CA ALA B 106 -22.94 4.27 12.20
C ALA B 106 -22.23 2.92 11.96
N GLU B 107 -23.00 1.82 11.78
CA GLU B 107 -22.40 0.51 11.51
C GLU B 107 -21.64 0.59 10.20
N THR B 108 -20.59 -0.24 10.03
CA THR B 108 -19.94 -0.29 8.72
C THR B 108 -20.85 -1.13 7.85
N THR B 109 -21.26 -0.58 6.71
CA THR B 109 -22.15 -1.34 5.84
C THR B 109 -21.68 -1.36 4.37
N ILE B 110 -21.79 -2.52 3.76
CA ILE B 110 -21.45 -2.75 2.34
C ILE B 110 -22.68 -3.36 1.68
N GLY B 111 -23.06 -2.81 0.53
CA GLY B 111 -24.22 -3.28 -0.22
C GLY B 111 -23.94 -4.52 -1.05
N ASP B 112 -24.39 -4.51 -2.32
CA ASP B 112 -24.28 -5.66 -3.21
C ASP B 112 -23.43 -5.43 -4.43
N HIS B 113 -22.93 -6.54 -5.04
CA HIS B 113 -22.19 -6.53 -6.30
C HIS B 113 -20.95 -5.62 -6.27
N ASN B 114 -20.31 -5.51 -5.11
CA ASN B 114 -19.10 -4.70 -4.97
C ASN B 114 -17.87 -5.53 -5.20
N LEU B 115 -16.83 -4.89 -5.66
CA LEU B 115 -15.52 -5.53 -5.85
C LEU B 115 -14.51 -4.73 -5.04
N ILE B 116 -13.98 -5.35 -3.96
CA ILE B 116 -13.03 -4.73 -3.04
C ILE B 116 -11.73 -5.49 -3.25
N MET B 117 -10.80 -4.83 -3.95
CA MET B 117 -9.59 -5.47 -4.45
C MET B 117 -8.48 -5.53 -3.42
N ALA B 118 -7.43 -6.29 -3.75
CA ALA B 118 -6.32 -6.61 -2.83
C ALA B 118 -5.83 -5.46 -1.97
N TYR B 119 -5.77 -5.73 -0.65
CA TYR B 119 -5.26 -4.82 0.39
C TYR B 119 -6.03 -3.53 0.53
N ALA B 120 -7.26 -3.48 -0.01
CA ALA B 120 -8.11 -2.28 0.19
C ALA B 120 -8.49 -2.25 1.67
N HIS B 121 -8.72 -1.06 2.18
CA HIS B 121 -9.07 -0.85 3.57
C HIS B 121 -10.38 -0.04 3.70
N ILE B 122 -11.32 -0.56 4.49
CA ILE B 122 -12.61 0.10 4.76
C ILE B 122 -12.66 0.43 6.28
N GLY B 123 -12.40 1.68 6.60
CA GLY B 123 -12.38 2.17 7.97
C GLY B 123 -13.77 2.15 8.60
N HIS B 124 -13.79 2.13 9.94
CA HIS B 124 -14.98 2.11 10.75
C HIS B 124 -16.04 3.14 10.28
N ASP B 125 -17.32 2.73 10.38
CA ASP B 125 -18.48 3.56 10.05
C ASP B 125 -18.60 3.95 8.55
N SER B 126 -17.83 3.32 7.67
CA SER B 126 -17.96 3.61 6.24
C SER B 126 -19.17 2.85 5.68
N VAL B 127 -19.76 3.41 4.62
CA VAL B 127 -20.96 2.87 3.97
C VAL B 127 -20.67 2.81 2.49
N ILE B 128 -20.70 1.60 1.91
CA ILE B 128 -20.49 1.38 0.48
C ILE B 128 -21.79 0.89 -0.08
N GLY B 129 -22.24 1.49 -1.21
CA GLY B 129 -23.49 1.12 -1.87
C GLY B 129 -23.37 -0.16 -2.67
N ASN B 130 -23.83 -0.12 -3.91
CA ASN B 130 -23.85 -1.26 -4.81
C ASN B 130 -23.03 -1.02 -6.03
N HIS B 131 -22.46 -2.11 -6.62
CA HIS B 131 -21.70 -2.05 -7.87
C HIS B 131 -20.49 -1.13 -7.83
N CYS B 132 -19.90 -0.96 -6.64
CA CYS B 132 -18.70 -0.15 -6.52
C CYS B 132 -17.45 -0.99 -6.80
N ILE B 133 -16.37 -0.34 -7.23
CA ILE B 133 -15.06 -0.97 -7.42
C ILE B 133 -14.05 -0.14 -6.61
N LEU B 134 -13.44 -0.79 -5.59
CA LEU B 134 -12.38 -0.21 -4.78
C LEU B 134 -11.15 -0.99 -5.21
N VAL B 135 -10.30 -0.37 -6.01
CA VAL B 135 -9.13 -1.03 -6.58
C VAL B 135 -8.04 -1.22 -5.51
N ASN B 136 -7.08 -2.13 -5.76
CA ASN B 136 -5.96 -2.43 -4.86
C ASN B 136 -5.51 -1.26 -4.01
N ASN B 137 -5.39 -1.52 -2.71
CA ASN B 137 -4.87 -0.58 -1.73
C ASN B 137 -5.64 0.72 -1.61
N THR B 138 -6.90 0.76 -2.06
CA THR B 138 -7.73 1.93 -1.85
C THR B 138 -7.99 1.98 -0.34
N ALA B 139 -7.94 3.16 0.30
CA ALA B 139 -8.18 3.19 1.74
C ALA B 139 -9.17 4.29 2.13
N LEU B 140 -10.22 3.88 2.86
CA LEU B 140 -11.27 4.77 3.38
C LEU B 140 -10.94 4.93 4.85
N ALA B 141 -10.51 6.13 5.26
CA ALA B 141 -10.05 6.38 6.65
C ALA B 141 -11.12 6.04 7.71
N GLY B 142 -12.36 6.44 7.46
CA GLY B 142 -13.47 6.19 8.37
C GLY B 142 -14.60 7.13 8.05
N HIS B 143 -15.85 6.72 8.37
CA HIS B 143 -17.05 7.52 8.10
C HIS B 143 -17.14 7.97 6.63
N VAL B 144 -16.64 7.15 5.71
CA VAL B 144 -16.66 7.45 4.28
C VAL B 144 -17.91 6.84 3.66
N HIS B 145 -18.61 7.61 2.80
CA HIS B 145 -19.81 7.13 2.12
C HIS B 145 -19.49 7.04 0.65
N VAL B 146 -19.60 5.84 0.10
CA VAL B 146 -19.32 5.57 -1.32
C VAL B 146 -20.65 5.15 -1.94
N ASP B 147 -21.22 6.01 -2.80
CA ASP B 147 -22.49 5.75 -3.48
C ASP B 147 -22.30 4.78 -4.65
N ASP B 148 -23.42 4.25 -5.19
CA ASP B 148 -23.44 3.24 -6.23
C ASP B 148 -22.56 3.55 -7.43
N TRP B 149 -21.95 2.50 -7.99
CA TRP B 149 -21.17 2.54 -9.22
C TRP B 149 -19.91 3.39 -9.16
N ALA B 150 -19.48 3.80 -7.98
CA ALA B 150 -18.23 4.57 -7.88
C ALA B 150 -17.05 3.65 -8.22
N ILE B 151 -16.02 4.22 -8.83
CA ILE B 151 -14.78 3.50 -9.12
C ILE B 151 -13.64 4.29 -8.49
N LEU B 152 -12.93 3.69 -7.55
CA LEU B 152 -11.77 4.29 -6.91
C LEU B 152 -10.56 3.52 -7.39
N SER B 153 -9.72 4.14 -8.23
CA SER B 153 -8.56 3.47 -8.79
C SER B 153 -7.53 3.13 -7.75
N GLY B 154 -6.59 2.26 -8.12
CA GLY B 154 -5.54 1.78 -7.23
C GLY B 154 -4.93 2.87 -6.37
N TYR B 155 -4.79 2.59 -5.07
CA TYR B 155 -4.15 3.45 -4.09
C TYR B 155 -4.85 4.81 -3.87
N THR B 156 -6.20 4.87 -4.06
CA THR B 156 -6.98 6.07 -3.78
C THR B 156 -7.13 6.14 -2.27
N LEU B 157 -6.82 7.31 -1.70
CA LEU B 157 -6.92 7.55 -0.26
C LEU B 157 -8.06 8.51 0.01
N VAL B 158 -8.95 8.14 0.92
CA VAL B 158 -10.12 8.97 1.23
C VAL B 158 -10.11 9.40 2.69
N HIS B 159 -10.05 10.72 2.92
CA HIS B 159 -10.10 11.37 4.23
C HIS B 159 -11.44 11.00 4.90
N GLN B 160 -11.44 10.89 6.24
CA GLN B 160 -12.64 10.63 7.02
C GLN B 160 -13.77 11.60 6.63
N TYR B 161 -15.03 11.13 6.71
CA TYR B 161 -16.27 11.90 6.48
C TYR B 161 -16.53 12.27 5.03
N CYS B 162 -15.61 11.95 4.11
CA CYS B 162 -15.82 12.27 2.69
C CYS B 162 -16.92 11.42 2.07
N ARG B 163 -17.64 12.00 1.11
CA ARG B 163 -18.69 11.32 0.39
C ARG B 163 -18.23 11.22 -1.07
N ILE B 164 -18.28 10.01 -1.61
CA ILE B 164 -17.91 9.71 -2.99
C ILE B 164 -19.23 9.49 -3.72
N GLY B 165 -19.54 10.40 -4.65
CA GLY B 165 -20.78 10.38 -5.41
C GLY B 165 -20.96 9.18 -6.29
N ALA B 166 -22.22 8.86 -6.62
CA ALA B 166 -22.61 7.76 -7.51
C ALA B 166 -21.93 7.95 -8.84
N HIS B 167 -21.44 6.84 -9.45
CA HIS B 167 -20.83 6.84 -10.79
C HIS B 167 -19.58 7.74 -10.91
N SER B 168 -18.99 8.15 -9.79
CA SER B 168 -17.80 9.01 -9.86
C SER B 168 -16.56 8.15 -10.07
N PHE B 169 -15.41 8.79 -10.31
CA PHE B 169 -14.19 8.07 -10.60
C PHE B 169 -12.99 8.79 -10.04
N SER B 170 -12.06 8.05 -9.39
CA SER B 170 -10.80 8.64 -8.99
C SER B 170 -9.67 7.92 -9.76
N GLY B 171 -8.69 8.69 -10.21
CA GLY B 171 -7.50 8.17 -10.86
C GLY B 171 -6.56 7.51 -9.87
N MET B 172 -5.62 6.70 -10.37
CA MET B 172 -4.73 6.01 -9.43
C MET B 172 -3.91 6.97 -8.56
N GLY B 173 -3.77 6.61 -7.29
CA GLY B 173 -2.98 7.41 -6.36
C GLY B 173 -3.64 8.70 -5.93
N SER B 174 -4.97 8.86 -6.14
CA SER B 174 -5.68 10.09 -5.76
C SER B 174 -5.78 10.21 -4.23
N ALA B 175 -5.65 11.42 -3.70
CA ALA B 175 -5.78 11.66 -2.25
C ALA B 175 -6.94 12.63 -2.08
N ILE B 176 -8.06 12.08 -1.68
CA ILE B 176 -9.33 12.80 -1.60
C ILE B 176 -9.56 13.34 -0.20
N GLY B 177 -9.59 14.67 -0.08
CA GLY B 177 -9.83 15.35 1.20
C GLY B 177 -11.21 15.97 1.27
N LYS B 178 -11.88 16.10 0.13
CA LYS B 178 -13.20 16.72 0.01
C LYS B 178 -14.21 15.76 -0.61
N ASP B 179 -15.48 16.14 -0.62
CA ASP B 179 -16.53 15.33 -1.23
C ASP B 179 -16.36 15.28 -2.75
N VAL B 180 -16.64 14.11 -3.34
CA VAL B 180 -16.57 13.96 -4.80
C VAL B 180 -18.01 13.94 -5.28
N PRO B 181 -18.46 14.95 -6.06
CA PRO B 181 -19.87 14.90 -6.53
C PRO B 181 -20.09 13.71 -7.47
N ALA B 182 -21.34 13.29 -7.62
CA ALA B 182 -21.72 12.20 -8.50
C ALA B 182 -21.16 12.42 -9.90
N TYR B 183 -20.70 11.34 -10.58
CA TYR B 183 -20.14 11.32 -11.95
C TYR B 183 -18.77 11.97 -12.12
N VAL B 184 -18.29 12.73 -11.15
CA VAL B 184 -17.05 13.50 -11.34
C VAL B 184 -15.81 12.61 -11.34
N THR B 185 -14.85 12.96 -12.20
CA THR B 185 -13.55 12.28 -12.27
C THR B 185 -12.54 13.16 -11.55
N VAL B 186 -11.83 12.58 -10.56
CA VAL B 186 -10.84 13.29 -9.77
C VAL B 186 -9.47 12.61 -9.88
N PHE B 187 -8.39 13.43 -9.89
CA PHE B 187 -7.02 12.95 -10.03
C PHE B 187 -6.05 13.72 -9.15
N GLY B 188 -4.98 13.05 -8.74
CA GLY B 188 -3.88 13.66 -8.02
C GLY B 188 -3.93 13.66 -6.52
N ASN B 189 -2.85 14.18 -5.97
CA ASN B 189 -2.61 14.36 -4.55
C ASN B 189 -2.17 15.83 -4.34
N PRO B 190 -3.06 16.74 -3.86
CA PRO B 190 -4.48 16.54 -3.51
C PRO B 190 -5.38 16.36 -4.73
N ALA B 191 -6.50 15.63 -4.60
CA ALA B 191 -7.42 15.39 -5.69
C ALA B 191 -7.97 16.67 -6.30
N GLU B 192 -8.08 16.68 -7.64
CA GLU B 192 -8.64 17.80 -8.41
C GLU B 192 -9.67 17.23 -9.37
N ALA B 193 -10.78 17.95 -9.54
CA ALA B 193 -11.84 17.60 -10.49
C ALA B 193 -11.34 17.81 -11.93
N ARG B 194 -11.62 16.87 -12.83
CA ARG B 194 -11.19 17.01 -14.21
C ARG B 194 -12.39 17.09 -15.15
N SER B 195 -13.30 16.12 -15.03
CA SER B 195 -14.45 16.01 -15.92
C SER B 195 -15.51 15.14 -15.25
N MET B 196 -16.34 14.49 -16.07
CA MET B 196 -17.35 13.54 -15.64
C MET B 196 -17.07 12.24 -16.33
N ASN B 197 -17.49 11.12 -15.73
CA ASN B 197 -17.27 9.80 -16.31
C ASN B 197 -18.43 9.51 -17.27
N PHE B 198 -18.34 10.10 -18.48
CA PHE B 198 -19.28 9.95 -19.58
C PHE B 198 -19.28 8.53 -20.10
N GLU B 199 -18.09 7.89 -20.08
CA GLU B 199 -17.88 6.49 -20.47
C GLU B 199 -18.77 5.55 -19.65
N GLY B 200 -18.79 5.73 -18.32
CA GLY B 200 -19.62 4.98 -17.40
C GLY B 200 -21.12 5.22 -17.63
N MET B 201 -21.51 6.47 -18.01
CA MET B 201 -22.89 6.84 -18.32
C MET B 201 -23.40 6.00 -19.52
N ARG B 202 -22.58 5.87 -20.56
CA ARG B 202 -22.93 5.11 -21.78
C ARG B 202 -23.07 3.63 -21.50
N ARG B 203 -22.15 3.06 -20.68
CA ARG B 203 -22.20 1.67 -20.24
C ARG B 203 -23.49 1.36 -19.47
N ARG B 204 -23.94 2.32 -18.64
CA ARG B 204 -25.18 2.25 -17.85
C ARG B 204 -26.43 2.48 -18.67
N GLY B 205 -26.28 2.97 -19.90
CA GLY B 205 -27.39 3.22 -20.80
C GLY B 205 -28.10 4.54 -20.57
N PHE B 206 -27.38 5.58 -20.10
CA PHE B 206 -27.99 6.90 -19.92
C PHE B 206 -28.32 7.41 -21.32
N SER B 207 -29.43 8.14 -21.46
CA SER B 207 -29.81 8.73 -22.74
C SER B 207 -28.82 9.83 -23.11
N SER B 208 -28.74 10.16 -24.40
CA SER B 208 -27.95 11.28 -24.96
C SER B 208 -28.30 12.59 -24.25
N GLU B 209 -29.61 12.81 -24.01
CA GLU B 209 -30.18 14.00 -23.38
C GLU B 209 -29.75 14.11 -21.93
N ALA B 210 -29.73 12.99 -21.18
CA ALA B 210 -29.27 13.00 -19.78
C ALA B 210 -27.74 13.29 -19.73
N ILE B 211 -26.96 12.70 -20.66
CA ILE B 211 -25.51 12.92 -20.74
C ILE B 211 -25.25 14.41 -21.09
N HIS B 212 -26.00 14.95 -22.07
CA HIS B 212 -25.93 16.34 -22.51
C HIS B 212 -26.21 17.31 -21.33
N ALA B 213 -27.26 17.02 -20.53
CA ALA B 213 -27.63 17.84 -19.37
C ALA B 213 -26.57 17.72 -18.26
N LEU B 214 -25.94 16.53 -18.12
CA LEU B 214 -24.89 16.36 -17.13
C LEU B 214 -23.61 17.11 -17.52
N ARG B 215 -23.26 17.08 -18.80
CA ARG B 215 -22.09 17.80 -19.31
C ARG B 215 -22.25 19.30 -19.06
N ARG B 216 -23.48 19.83 -19.28
CA ARG B 216 -23.87 21.23 -19.05
C ARG B 216 -23.82 21.51 -17.54
N ALA B 217 -24.29 20.56 -16.71
CA ALA B 217 -24.30 20.65 -15.24
C ALA B 217 -22.88 20.81 -14.68
N TYR B 218 -21.91 20.04 -15.23
CA TYR B 218 -20.50 20.12 -14.83
C TYR B 218 -19.97 21.54 -15.06
N LYS B 219 -20.25 22.14 -16.25
CA LYS B 219 -19.80 23.50 -16.60
C LYS B 219 -20.34 24.56 -15.63
N VAL B 220 -21.62 24.42 -15.24
CA VAL B 220 -22.32 25.31 -14.30
C VAL B 220 -21.55 25.36 -12.98
N VAL B 221 -21.18 24.18 -12.48
CA VAL B 221 -20.48 24.03 -11.22
C VAL B 221 -19.01 24.43 -11.29
N TYR B 222 -18.29 23.99 -12.35
CA TYR B 222 -16.83 24.14 -12.39
C TYR B 222 -16.22 25.10 -13.39
N ARG B 223 -16.95 25.55 -14.40
CA ARG B 223 -16.33 26.33 -15.47
C ARG B 223 -16.94 27.71 -15.73
N GLN B 224 -17.86 28.15 -14.87
CA GLN B 224 -18.54 29.43 -15.10
C GLN B 224 -18.50 30.40 -13.90
N GLY B 225 -17.47 30.24 -13.05
CA GLY B 225 -17.20 31.08 -11.89
C GLY B 225 -18.31 31.24 -10.87
N HIS B 226 -19.25 30.29 -10.79
CA HIS B 226 -20.35 30.36 -9.82
C HIS B 226 -19.92 29.87 -8.45
N THR B 227 -20.59 30.37 -7.39
CA THR B 227 -20.39 29.87 -6.04
C THR B 227 -21.22 28.58 -6.00
N VAL B 228 -21.02 27.72 -4.98
CA VAL B 228 -21.81 26.49 -4.85
C VAL B 228 -23.32 26.84 -4.76
N GLU B 229 -23.66 27.87 -3.95
CA GLU B 229 -25.01 28.38 -3.73
C GLU B 229 -25.69 28.81 -5.05
N GLU B 230 -24.92 29.51 -5.92
CA GLU B 230 -25.36 29.99 -7.24
C GLU B 230 -25.56 28.81 -8.19
N ALA B 231 -24.60 27.88 -8.22
CA ALA B 231 -24.61 26.65 -9.04
C ALA B 231 -25.84 25.80 -8.71
N LEU B 232 -26.13 25.57 -7.42
CA LEU B 232 -27.27 24.80 -6.94
C LEU B 232 -28.61 25.36 -7.43
N ALA B 233 -28.74 26.71 -7.47
CA ALA B 233 -29.94 27.40 -7.94
C ALA B 233 -30.08 27.28 -9.47
N GLU B 234 -28.96 27.38 -10.21
CA GLU B 234 -28.90 27.25 -11.68
C GLU B 234 -29.24 25.83 -12.17
N LEU B 235 -28.94 24.80 -11.36
CA LEU B 235 -29.18 23.38 -11.65
C LEU B 235 -30.60 22.91 -11.29
N ALA B 236 -31.32 23.66 -10.41
CA ALA B 236 -32.66 23.30 -9.91
C ALA B 236 -33.62 22.85 -11.02
N GLU B 237 -33.71 23.64 -12.09
CA GLU B 237 -34.55 23.42 -13.28
C GLU B 237 -34.19 22.10 -13.98
N SER B 238 -32.90 21.92 -14.33
CA SER B 238 -32.41 20.69 -14.98
C SER B 238 -32.57 19.45 -14.09
N ALA B 239 -32.32 19.59 -12.77
CA ALA B 239 -32.42 18.50 -11.78
C ALA B 239 -33.86 17.97 -11.64
N ALA B 240 -34.87 18.88 -11.72
CA ALA B 240 -36.29 18.52 -11.63
C ALA B 240 -36.74 17.74 -12.86
N GLN B 241 -36.03 17.91 -14.00
CA GLN B 241 -36.34 17.25 -15.25
C GLN B 241 -35.54 15.98 -15.49
N PHE B 242 -34.26 15.94 -15.08
CA PHE B 242 -33.40 14.75 -15.24
C PHE B 242 -33.02 14.17 -13.89
N PRO B 243 -33.53 12.95 -13.55
CA PRO B 243 -33.16 12.32 -12.25
C PRO B 243 -31.65 12.22 -12.02
N GLU B 244 -30.86 12.00 -13.09
CA GLU B 244 -29.38 11.92 -13.10
C GLU B 244 -28.80 13.28 -12.72
N VAL B 245 -29.43 14.39 -13.16
CA VAL B 245 -28.95 15.74 -12.78
C VAL B 245 -29.30 15.96 -11.30
N ALA B 246 -30.47 15.46 -10.84
CA ALA B 246 -30.85 15.58 -9.42
C ALA B 246 -29.83 14.82 -8.57
N VAL B 247 -29.32 13.65 -9.04
CA VAL B 247 -28.27 12.85 -8.38
C VAL B 247 -27.00 13.71 -8.22
N PHE B 248 -26.61 14.43 -9.31
CA PHE B 248 -25.46 15.32 -9.32
C PHE B 248 -25.67 16.53 -8.37
N ARG B 249 -26.84 17.21 -8.47
CA ARG B 249 -27.19 18.37 -7.63
C ARG B 249 -27.25 18.00 -6.16
N ASP B 250 -27.90 16.87 -5.82
CA ASP B 250 -28.03 16.31 -4.47
C ASP B 250 -26.70 16.04 -3.84
N SER B 251 -25.72 15.50 -4.59
CA SER B 251 -24.38 15.21 -4.06
C SER B 251 -23.65 16.52 -3.72
N ILE B 252 -23.84 17.58 -4.53
CA ILE B 252 -23.23 18.88 -4.24
C ILE B 252 -23.93 19.52 -3.01
N GLN B 253 -25.26 19.38 -2.93
CA GLN B 253 -26.09 19.91 -1.83
C GLN B 253 -25.70 19.26 -0.47
N SER B 254 -25.48 17.95 -0.47
CA SER B 254 -25.12 17.15 0.68
C SER B 254 -23.61 17.16 1.05
N ALA B 255 -22.79 17.97 0.33
CA ALA B 255 -21.35 18.08 0.58
C ALA B 255 -21.09 18.84 1.88
N THR B 256 -20.50 18.16 2.88
CA THR B 256 -20.23 18.83 4.17
C THR B 256 -18.78 19.32 4.27
N ARG B 257 -17.88 18.79 3.41
CA ARG B 257 -16.46 19.13 3.41
C ARG B 257 -16.08 19.96 2.17
N GLY B 258 -17.10 20.50 1.49
CA GLY B 258 -16.94 21.24 0.25
C GLY B 258 -16.76 20.24 -0.89
N ILE B 259 -16.78 20.69 -2.13
CA ILE B 259 -16.60 19.75 -3.24
C ILE B 259 -15.16 19.79 -3.77
N THR B 260 -14.68 18.66 -4.34
CA THR B 260 -13.35 18.59 -4.96
C THR B 260 -13.40 19.51 -6.18
N ARG B 261 -12.41 20.40 -6.31
CA ARG B 261 -12.39 21.37 -7.40
C ARG B 261 -11.16 21.23 -8.32
N MET C 4 14.08 -33.16 8.96
CA MET C 4 12.98 -32.24 8.67
C MET C 4 12.55 -32.40 7.19
N SER C 5 11.31 -32.92 6.97
CA SER C 5 10.68 -33.17 5.66
C SER C 5 10.70 -31.91 4.77
N LEU C 6 11.16 -32.03 3.52
CA LEU C 6 11.24 -30.93 2.53
C LEU C 6 9.86 -30.31 2.28
N ILE C 7 8.85 -31.14 2.17
CA ILE C 7 7.46 -30.69 2.03
C ILE C 7 6.93 -30.84 3.43
N ASP C 8 6.62 -29.71 4.07
CA ASP C 8 6.08 -29.74 5.43
C ASP C 8 4.76 -30.53 5.42
N PRO C 9 4.52 -31.45 6.40
CA PRO C 9 3.26 -32.23 6.39
C PRO C 9 1.98 -31.38 6.57
N ARG C 10 2.12 -30.10 6.95
CA ARG C 10 0.99 -29.18 7.10
C ARG C 10 0.70 -28.41 5.78
N ALA C 11 1.53 -28.59 4.75
CA ALA C 11 1.27 -27.97 3.45
C ALA C 11 0.30 -28.81 2.61
N ILE C 12 -0.36 -28.19 1.63
CA ILE C 12 -1.28 -28.89 0.74
C ILE C 12 -0.67 -28.86 -0.66
N ILE C 13 -0.38 -30.05 -1.22
CA ILE C 13 0.17 -30.18 -2.56
C ILE C 13 -0.90 -30.84 -3.41
N ASP C 14 -1.43 -30.10 -4.37
CA ASP C 14 -2.44 -30.67 -5.25
C ASP C 14 -1.87 -31.87 -6.06
N PRO C 15 -2.63 -33.00 -6.18
CA PRO C 15 -2.12 -34.16 -6.95
C PRO C 15 -1.70 -33.86 -8.40
N SER C 16 -2.20 -32.78 -9.02
CA SER C 16 -1.82 -32.40 -10.39
C SER C 16 -0.56 -31.51 -10.45
N ALA C 17 -0.09 -31.00 -9.28
CA ALA C 17 1.12 -30.18 -9.22
C ALA C 17 2.33 -31.06 -9.53
N ARG C 18 3.33 -30.49 -10.21
CA ARG C 18 4.59 -31.20 -10.57
C ARG C 18 5.73 -30.48 -9.91
N LEU C 19 6.47 -31.19 -9.05
CA LEU C 19 7.59 -30.64 -8.31
C LEU C 19 8.89 -31.36 -8.56
N ALA C 20 10.00 -30.62 -8.56
CA ALA C 20 11.32 -31.23 -8.58
C ALA C 20 11.51 -31.88 -7.18
N ALA C 21 12.32 -32.92 -7.10
CA ALA C 21 12.51 -33.70 -5.88
C ALA C 21 12.94 -32.89 -4.65
N ASP C 22 13.83 -31.88 -4.82
CA ASP C 22 14.36 -31.12 -3.70
C ASP C 22 13.54 -29.84 -3.33
N VAL C 23 12.37 -29.61 -3.96
CA VAL C 23 11.54 -28.43 -3.64
C VAL C 23 11.15 -28.42 -2.14
N GLN C 24 11.23 -27.26 -1.49
CA GLN C 24 10.84 -27.11 -0.08
C GLN C 24 9.56 -26.35 -0.01
N VAL C 25 8.61 -26.86 0.77
CA VAL C 25 7.31 -26.19 0.97
C VAL C 25 7.08 -26.08 2.49
N GLY C 26 6.88 -24.86 2.96
CA GLY C 26 6.66 -24.55 4.37
C GLY C 26 5.28 -24.93 4.89
N PRO C 27 5.05 -24.83 6.21
CA PRO C 27 3.74 -25.25 6.74
C PRO C 27 2.62 -24.32 6.28
N TRP C 28 1.39 -24.86 6.14
CA TRP C 28 0.17 -24.10 5.77
C TRP C 28 0.24 -23.40 4.43
N SER C 29 1.06 -23.91 3.51
CA SER C 29 1.18 -23.36 2.17
C SER C 29 0.39 -24.26 1.23
N ILE C 30 -0.15 -23.67 0.16
CA ILE C 30 -0.93 -24.39 -0.82
C ILE C 30 -0.25 -24.33 -2.17
N VAL C 31 0.09 -25.51 -2.73
CA VAL C 31 0.61 -25.63 -4.09
C VAL C 31 -0.60 -26.19 -4.85
N GLY C 32 -1.36 -25.28 -5.44
CA GLY C 32 -2.60 -25.60 -6.14
C GLY C 32 -2.42 -26.42 -7.39
N ALA C 33 -3.55 -26.80 -7.95
CA ALA C 33 -3.64 -27.56 -9.19
C ALA C 33 -2.86 -26.84 -10.28
N GLU C 34 -2.18 -27.63 -11.12
CA GLU C 34 -1.48 -27.12 -12.30
C GLU C 34 -0.34 -26.16 -11.97
N VAL C 35 0.21 -26.28 -10.78
CA VAL C 35 1.39 -25.52 -10.39
C VAL C 35 2.61 -26.43 -10.63
N GLU C 36 3.63 -25.87 -11.28
CA GLU C 36 4.86 -26.60 -11.54
C GLU C 36 6.01 -25.86 -10.86
N ILE C 37 6.85 -26.58 -10.07
CA ILE C 37 7.96 -25.94 -9.33
C ILE C 37 9.30 -26.61 -9.56
N GLY C 38 10.28 -25.82 -9.97
CA GLY C 38 11.63 -26.26 -10.31
C GLY C 38 12.59 -26.43 -9.14
N GLU C 39 13.68 -27.13 -9.43
CA GLU C 39 14.79 -27.50 -8.55
C GLU C 39 15.31 -26.32 -7.70
N GLY C 40 15.49 -26.57 -6.41
CA GLY C 40 16.08 -25.61 -5.49
C GLY C 40 15.18 -24.47 -5.06
N THR C 41 13.90 -24.51 -5.46
CA THR C 41 12.94 -23.46 -5.07
C THR C 41 12.48 -23.74 -3.65
N VAL C 42 12.30 -22.66 -2.91
CA VAL C 42 11.85 -22.68 -1.52
C VAL C 42 10.59 -21.87 -1.42
N ILE C 43 9.50 -22.54 -1.01
CA ILE C 43 8.20 -21.89 -0.75
C ILE C 43 8.13 -21.77 0.76
N GLY C 44 7.88 -20.56 1.25
CA GLY C 44 7.83 -20.37 2.71
C GLY C 44 6.51 -20.85 3.27
N PRO C 45 6.16 -20.43 4.51
CA PRO C 45 4.86 -20.84 5.06
C PRO C 45 3.78 -19.88 4.60
N HIS C 46 2.51 -20.26 4.74
CA HIS C 46 1.36 -19.40 4.42
C HIS C 46 1.38 -18.83 3.02
N VAL C 47 1.88 -19.57 2.04
CA VAL C 47 1.91 -19.11 0.65
C VAL C 47 0.75 -19.75 -0.11
N VAL C 48 0.09 -18.99 -1.00
CA VAL C 48 -0.96 -19.53 -1.87
C VAL C 48 -0.41 -19.53 -3.28
N LEU C 49 -0.26 -20.71 -3.88
CA LEU C 49 0.17 -20.83 -5.27
C LEU C 49 -1.01 -21.40 -6.03
N LYS C 50 -1.35 -20.74 -7.14
CA LYS C 50 -2.46 -21.15 -7.99
C LYS C 50 -1.95 -21.25 -9.42
N GLY C 51 -2.52 -22.13 -10.21
CA GLY C 51 -2.06 -22.38 -11.57
C GLY C 51 -3.07 -22.09 -12.65
N PRO C 52 -2.77 -22.40 -13.93
CA PRO C 52 -1.51 -22.97 -14.46
C PRO C 52 -0.36 -22.00 -14.28
N THR C 53 0.65 -22.43 -13.54
CA THR C 53 1.80 -21.61 -13.19
C THR C 53 3.06 -22.45 -13.26
N LYS C 54 4.15 -21.89 -13.79
CA LYS C 54 5.46 -22.52 -13.77
C LYS C 54 6.38 -21.63 -12.98
N ILE C 55 6.98 -22.20 -11.92
CA ILE C 55 7.98 -21.55 -11.11
C ILE C 55 9.27 -22.30 -11.40
N GLY C 56 10.30 -21.58 -11.82
CA GLY C 56 11.60 -22.15 -12.16
C GLY C 56 12.46 -22.58 -10.98
N LYS C 57 13.78 -22.50 -11.18
CA LYS C 57 14.78 -22.95 -10.24
C LYS C 57 15.28 -21.90 -9.28
N HIS C 58 15.63 -22.32 -8.06
CA HIS C 58 16.25 -21.49 -7.02
C HIS C 58 15.51 -20.20 -6.74
N ASN C 59 14.17 -20.28 -6.67
CA ASN C 59 13.31 -19.16 -6.33
C ASN C 59 13.01 -19.22 -4.85
N ARG C 60 12.64 -18.08 -4.26
CA ARG C 60 12.26 -18.00 -2.85
C ARG C 60 10.97 -17.22 -2.81
N ILE C 61 9.91 -17.83 -2.26
CA ILE C 61 8.58 -17.20 -2.17
C ILE C 61 8.19 -17.11 -0.70
N TYR C 62 8.00 -15.88 -0.21
CA TYR C 62 7.73 -15.61 1.20
C TYR C 62 6.28 -15.66 1.57
N GLN C 63 6.02 -15.83 2.88
CA GLN C 63 4.71 -15.89 3.51
C GLN C 63 3.70 -14.85 3.03
N PHE C 64 2.41 -15.27 2.98
CA PHE C 64 1.27 -14.38 2.70
C PHE C 64 1.21 -13.86 1.23
N SER C 65 2.03 -14.41 0.35
CA SER C 65 2.03 -14.15 -1.10
C SER C 65 0.91 -14.95 -1.77
N SER C 66 0.29 -14.39 -2.83
CA SER C 66 -0.73 -15.06 -3.63
C SER C 66 -0.18 -15.01 -5.06
N VAL C 67 0.38 -16.13 -5.50
CA VAL C 67 1.07 -16.17 -6.80
C VAL C 67 0.31 -17.10 -7.76
N GLY C 68 -0.13 -16.54 -8.89
CA GLY C 68 -0.86 -17.29 -9.91
C GLY C 68 -2.36 -17.07 -9.82
N GLU C 69 -2.75 -15.90 -9.35
CA GLU C 69 -4.16 -15.51 -9.22
C GLU C 69 -4.81 -15.27 -10.56
N ASP C 70 -6.13 -15.35 -10.58
CA ASP C 70 -6.96 -15.23 -11.76
C ASP C 70 -6.76 -13.94 -12.54
N THR C 71 -6.82 -14.03 -13.87
CA THR C 71 -6.77 -12.85 -14.74
C THR C 71 -8.23 -12.34 -14.96
N PRO C 72 -8.48 -11.02 -14.78
CA PRO C 72 -9.84 -10.50 -15.01
C PRO C 72 -10.21 -10.46 -16.50
N ASP C 73 -9.18 -10.25 -17.33
CA ASP C 73 -9.17 -10.15 -18.79
C ASP C 73 -9.43 -11.56 -19.41
N LEU C 74 -10.71 -12.00 -19.47
CA LEU C 74 -11.08 -13.32 -20.04
C LEU C 74 -12.18 -13.25 -21.10
N LYS C 75 -11.79 -13.53 -22.37
CA LYS C 75 -12.68 -13.56 -23.56
C LYS C 75 -13.89 -14.49 -23.34
N TYR C 76 -13.68 -15.62 -22.63
CA TYR C 76 -14.70 -16.64 -22.33
C TYR C 76 -14.24 -17.48 -21.13
N LYS C 77 -15.20 -18.10 -20.41
CA LYS C 77 -14.91 -18.93 -19.22
C LYS C 77 -14.19 -20.21 -19.64
N GLY C 78 -13.08 -20.50 -18.97
CA GLY C 78 -12.25 -21.66 -19.25
C GLY C 78 -11.10 -21.38 -20.21
N GLU C 79 -10.94 -20.09 -20.64
CA GLU C 79 -9.87 -19.67 -21.55
C GLU C 79 -8.51 -19.95 -20.88
N PRO C 80 -7.58 -20.63 -21.59
CA PRO C 80 -6.29 -20.98 -20.96
C PRO C 80 -5.48 -19.78 -20.48
N THR C 81 -5.04 -19.84 -19.22
CA THR C 81 -4.22 -18.78 -18.60
C THR C 81 -2.95 -19.37 -18.04
N ARG C 82 -1.91 -18.55 -17.90
CA ARG C 82 -0.61 -19.00 -17.42
C ARG C 82 0.22 -17.89 -16.83
N LEU C 83 1.03 -18.27 -15.84
CA LEU C 83 2.02 -17.45 -15.22
C LEU C 83 3.34 -18.22 -15.32
N VAL C 84 4.40 -17.57 -15.81
CA VAL C 84 5.72 -18.22 -15.89
C VAL C 84 6.70 -17.35 -15.12
N ILE C 85 7.40 -17.96 -14.16
CA ILE C 85 8.46 -17.34 -13.36
C ILE C 85 9.73 -18.13 -13.66
N GLY C 86 10.82 -17.42 -13.95
CA GLY C 86 12.13 -18.04 -14.23
C GLY C 86 12.85 -18.49 -12.98
N ASP C 87 14.16 -18.27 -12.97
CA ASP C 87 15.07 -18.72 -11.91
C ASP C 87 15.67 -17.61 -11.07
N HIS C 88 16.11 -17.97 -9.83
CA HIS C 88 16.82 -17.08 -8.92
C HIS C 88 16.07 -15.80 -8.58
N ASN C 89 14.74 -15.87 -8.51
CA ASN C 89 13.92 -14.72 -8.12
C ASN C 89 13.61 -14.79 -6.66
N VAL C 90 13.33 -13.63 -6.04
CA VAL C 90 12.91 -13.54 -4.66
C VAL C 90 11.57 -12.81 -4.68
N ILE C 91 10.52 -13.48 -4.20
CA ILE C 91 9.18 -12.88 -4.12
C ILE C 91 8.93 -12.74 -2.62
N ARG C 92 8.87 -11.49 -2.14
CA ARG C 92 8.77 -11.20 -0.72
C ARG C 92 7.33 -11.35 -0.22
N GLU C 93 7.10 -11.12 1.08
CA GLU C 93 5.78 -11.32 1.70
C GLU C 93 4.63 -10.49 1.14
N GLY C 94 3.47 -11.12 1.04
CA GLY C 94 2.25 -10.44 0.62
C GLY C 94 2.18 -10.04 -0.83
N VAL C 95 3.15 -10.45 -1.64
CA VAL C 95 3.18 -10.16 -3.06
C VAL C 95 2.00 -10.84 -3.79
N THR C 96 1.38 -10.12 -4.74
CA THR C 96 0.28 -10.66 -5.54
C THR C 96 0.68 -10.65 -7.01
N ILE C 97 0.54 -11.80 -7.68
CA ILE C 97 0.90 -11.97 -9.09
C ILE C 97 -0.23 -12.72 -9.78
N HIS C 98 -0.77 -12.10 -10.85
CA HIS C 98 -1.84 -12.67 -11.64
C HIS C 98 -1.34 -13.31 -12.88
N ARG C 99 -2.05 -14.34 -13.33
CA ARG C 99 -1.78 -15.07 -14.55
C ARG C 99 -2.19 -14.21 -15.75
N GLY C 100 -1.88 -14.66 -16.94
CA GLY C 100 -2.21 -13.98 -18.19
C GLY C 100 -2.70 -14.97 -19.23
N THR C 101 -3.32 -14.49 -20.30
CA THR C 101 -3.89 -15.35 -21.34
C THR C 101 -2.81 -15.94 -22.28
N VAL C 102 -2.93 -17.26 -22.55
CA VAL C 102 -2.00 -18.07 -23.36
C VAL C 102 -2.21 -17.84 -24.86
N GLN C 103 -3.45 -18.04 -25.34
CA GLN C 103 -3.92 -17.96 -26.74
C GLN C 103 -3.32 -16.81 -27.55
N ASP C 104 -3.25 -15.62 -26.93
CA ASP C 104 -2.78 -14.38 -27.54
C ASP C 104 -1.33 -14.01 -27.18
N ARG C 105 -0.54 -14.96 -26.62
CA ARG C 105 0.86 -14.77 -26.21
C ARG C 105 1.00 -13.63 -25.19
N ALA C 106 0.01 -13.51 -24.29
CA ALA C 106 -0.06 -12.46 -23.28
C ALA C 106 -0.02 -13.04 -21.85
N GLU C 107 0.72 -14.13 -21.65
CA GLU C 107 0.87 -14.75 -20.32
C GLU C 107 1.63 -13.78 -19.43
N THR C 108 1.44 -13.86 -18.11
CA THR C 108 2.25 -13.04 -17.22
C THR C 108 3.59 -13.78 -17.12
N THR C 109 4.70 -13.07 -17.40
CA THR C 109 6.03 -13.70 -17.35
C THR C 109 7.01 -12.88 -16.53
N ILE C 110 7.83 -13.59 -15.75
CA ILE C 110 8.89 -13.01 -14.95
C ILE C 110 10.14 -13.81 -15.31
N GLY C 111 11.22 -13.10 -15.62
CA GLY C 111 12.48 -13.74 -15.97
C GLY C 111 13.26 -14.20 -14.76
N ASP C 112 14.55 -13.88 -14.77
CA ASP C 112 15.52 -14.31 -13.77
C ASP C 112 16.11 -13.21 -12.92
N HIS C 113 16.54 -13.58 -11.69
CA HIS C 113 17.27 -12.71 -10.77
C HIS C 113 16.51 -11.44 -10.41
N ASN C 114 15.18 -11.55 -10.25
CA ASN C 114 14.34 -10.42 -9.91
C ASN C 114 14.04 -10.38 -8.43
N LEU C 115 13.81 -9.18 -7.90
CA LEU C 115 13.46 -9.00 -6.49
C LEU C 115 12.15 -8.25 -6.46
N ILE C 116 11.09 -8.92 -6.00
CA ILE C 116 9.74 -8.36 -5.92
C ILE C 116 9.44 -8.26 -4.44
N MET C 117 9.46 -7.03 -3.93
CA MET C 117 9.44 -6.75 -2.51
C MET C 117 8.05 -6.71 -1.95
N ALA C 118 7.96 -6.72 -0.61
CA ALA C 118 6.71 -6.88 0.12
C ALA C 118 5.54 -6.11 -0.45
N TYR C 119 4.42 -6.85 -0.64
CA TYR C 119 3.11 -6.34 -1.10
C TYR C 119 3.12 -5.74 -2.49
N ALA C 120 4.18 -5.96 -3.28
CA ALA C 120 4.16 -5.54 -4.68
C ALA C 120 3.04 -6.33 -5.43
N HIS C 121 2.53 -5.75 -6.52
CA HIS C 121 1.46 -6.32 -7.30
C HIS C 121 1.85 -6.36 -8.76
N ILE C 122 1.75 -7.55 -9.34
CA ILE C 122 2.00 -7.75 -10.76
C ILE C 122 0.69 -8.15 -11.42
N GLY C 123 0.10 -7.18 -12.12
CA GLY C 123 -1.17 -7.36 -12.83
C GLY C 123 -1.06 -8.29 -14.02
N HIS C 124 -2.18 -8.88 -14.40
CA HIS C 124 -2.31 -9.78 -15.54
C HIS C 124 -1.60 -9.29 -16.81
N ASP C 125 -0.93 -10.22 -17.53
CA ASP C 125 -0.27 -9.97 -18.82
C ASP C 125 0.96 -9.06 -18.73
N SER C 126 1.46 -8.85 -17.53
CA SER C 126 2.68 -8.07 -17.34
C SER C 126 3.87 -8.95 -17.67
N VAL C 127 4.95 -8.34 -18.16
CA VAL C 127 6.17 -9.03 -18.55
C VAL C 127 7.35 -8.34 -17.86
N ILE C 128 8.06 -9.08 -16.97
CA ILE C 128 9.22 -8.53 -16.26
C ILE C 128 10.41 -9.31 -16.78
N GLY C 129 11.49 -8.59 -17.08
CA GLY C 129 12.71 -9.18 -17.59
C GLY C 129 13.56 -9.77 -16.48
N ASN C 130 14.84 -9.44 -16.52
CA ASN C 130 15.85 -9.94 -15.59
C ASN C 130 16.46 -8.82 -14.75
N HIS C 131 16.84 -9.16 -13.51
CA HIS C 131 17.56 -8.29 -12.58
C HIS C 131 16.77 -7.03 -12.22
N CYS C 132 15.44 -7.12 -12.20
CA CYS C 132 14.61 -5.97 -11.83
C CYS C 132 14.40 -5.96 -10.35
N ILE C 133 14.05 -4.78 -9.82
CA ILE C 133 13.68 -4.64 -8.43
C ILE C 133 12.36 -3.87 -8.42
N LEU C 134 11.31 -4.50 -7.86
CA LEU C 134 10.03 -3.84 -7.63
C LEU C 134 10.01 -3.66 -6.14
N VAL C 135 10.18 -2.43 -5.67
CA VAL C 135 10.23 -2.15 -4.22
C VAL C 135 8.81 -2.27 -3.64
N ASN C 136 8.71 -2.41 -2.30
CA ASN C 136 7.45 -2.53 -1.57
C ASN C 136 6.29 -1.79 -2.18
N ASN C 137 5.16 -2.51 -2.37
CA ASN C 137 3.89 -1.92 -2.78
C ASN C 137 3.89 -1.26 -4.17
N THR C 138 4.88 -1.60 -5.00
CA THR C 138 4.87 -1.18 -6.39
C THR C 138 3.69 -1.96 -7.02
N ALA C 139 2.88 -1.30 -7.88
CA ALA C 139 1.75 -1.98 -8.51
C ALA C 139 1.75 -1.75 -10.01
N LEU C 140 1.80 -2.86 -10.77
CA LEU C 140 1.76 -2.82 -12.23
C LEU C 140 0.31 -3.19 -12.53
N ALA C 141 -0.51 -2.23 -12.99
CA ALA C 141 -1.95 -2.44 -13.21
C ALA C 141 -2.31 -3.65 -14.13
N GLY C 142 -1.55 -3.85 -15.18
CA GLY C 142 -1.75 -4.96 -16.12
C GLY C 142 -1.11 -4.62 -17.42
N HIS C 143 -0.67 -5.64 -18.21
CA HIS C 143 -0.04 -5.45 -19.53
C HIS C 143 1.19 -4.52 -19.48
N VAL C 144 1.88 -4.50 -18.36
CA VAL C 144 3.06 -3.65 -18.17
C VAL C 144 4.30 -4.47 -18.55
N HIS C 145 5.22 -3.89 -19.33
CA HIS C 145 6.48 -4.50 -19.72
C HIS C 145 7.62 -3.80 -18.99
N VAL C 146 8.37 -4.53 -18.15
CA VAL C 146 9.49 -4.03 -17.36
C VAL C 146 10.77 -4.69 -17.87
N ASP C 147 11.62 -3.90 -18.55
CA ASP C 147 12.87 -4.39 -19.12
C ASP C 147 13.95 -4.54 -18.05
N ASP C 148 15.03 -5.25 -18.41
CA ASP C 148 16.14 -5.58 -17.53
C ASP C 148 16.68 -4.44 -16.69
N TRP C 149 17.04 -4.76 -15.44
CA TRP C 149 17.71 -3.89 -14.46
C TRP C 149 16.87 -2.70 -13.99
N ALA C 150 15.58 -2.63 -14.36
CA ALA C 150 14.74 -1.51 -13.92
C ALA C 150 14.50 -1.58 -12.43
N ILE C 151 14.50 -0.41 -11.77
CA ILE C 151 14.22 -0.34 -10.34
C ILE C 151 13.00 0.57 -10.16
N LEU C 152 11.92 0.03 -9.57
CA LEU C 152 10.75 0.86 -9.28
C LEU C 152 10.70 1.02 -7.75
N SER C 153 10.97 2.22 -7.28
CA SER C 153 10.97 2.53 -5.85
C SER C 153 9.62 2.30 -5.22
N GLY C 154 9.58 2.24 -3.89
CA GLY C 154 8.38 1.92 -3.13
C GLY C 154 7.14 2.67 -3.56
N TYR C 155 6.00 1.93 -3.67
CA TYR C 155 4.71 2.52 -4.01
C TYR C 155 4.66 3.17 -5.38
N THR C 156 5.51 2.71 -6.33
CA THR C 156 5.41 3.17 -7.71
C THR C 156 4.16 2.49 -8.30
N LEU C 157 3.28 3.28 -8.92
CA LEU C 157 2.05 2.79 -9.55
C LEU C 157 2.24 2.90 -11.04
N VAL C 158 1.91 1.84 -11.77
CA VAL C 158 2.10 1.80 -13.21
C VAL C 158 0.79 1.49 -13.92
N HIS C 159 0.35 2.44 -14.76
CA HIS C 159 -0.86 2.38 -15.59
C HIS C 159 -0.70 1.20 -16.56
N GLN C 160 -1.82 0.56 -16.89
CA GLN C 160 -1.85 -0.54 -17.86
C GLN C 160 -1.16 -0.13 -19.16
N TYR C 161 -0.53 -1.09 -19.83
CA TYR C 161 0.10 -0.96 -21.16
C TYR C 161 1.40 -0.14 -21.18
N CYS C 162 1.88 0.34 -20.04
CA CYS C 162 3.12 1.11 -19.97
C CYS C 162 4.33 0.22 -20.10
N ARG C 163 5.40 0.79 -20.67
CA ARG C 163 6.69 0.13 -20.83
C ARG C 163 7.70 0.84 -19.97
N ILE C 164 8.42 0.09 -19.15
CA ILE C 164 9.46 0.60 -18.26
C ILE C 164 10.77 0.10 -18.89
N GLY C 165 11.57 1.03 -19.38
CA GLY C 165 12.82 0.74 -20.08
C GLY C 165 13.91 0.13 -19.24
N ALA C 166 14.89 -0.48 -19.89
CA ALA C 166 16.05 -1.10 -19.23
C ALA C 166 16.84 -0.09 -18.44
N HIS C 167 17.24 -0.45 -17.19
CA HIS C 167 18.02 0.41 -16.29
C HIS C 167 17.34 1.72 -15.89
N SER C 168 16.02 1.82 -16.08
CA SER C 168 15.29 3.02 -15.71
C SER C 168 15.00 3.01 -14.20
N PHE C 169 14.62 4.17 -13.66
CA PHE C 169 14.38 4.30 -12.23
C PHE C 169 13.16 5.17 -11.93
N SER C 170 12.33 4.74 -10.97
CA SER C 170 11.24 5.57 -10.50
C SER C 170 11.47 5.90 -9.03
N GLY C 171 11.22 7.16 -8.66
CA GLY C 171 11.29 7.64 -7.29
C GLY C 171 10.11 7.08 -6.50
N MET C 172 10.19 7.08 -5.16
CA MET C 172 9.10 6.51 -4.36
C MET C 172 7.76 7.28 -4.55
N GLY C 173 6.64 6.56 -4.58
CA GLY C 173 5.34 7.20 -4.78
C GLY C 173 5.10 7.71 -6.20
N SER C 174 5.93 7.31 -7.19
CA SER C 174 5.69 7.73 -8.59
C SER C 174 4.42 7.10 -9.12
N ALA C 175 3.65 7.86 -9.95
CA ALA C 175 2.43 7.40 -10.63
C ALA C 175 2.73 7.51 -12.12
N ILE C 176 3.14 6.38 -12.72
CA ILE C 176 3.55 6.37 -14.12
C ILE C 176 2.37 6.11 -15.05
N GLY C 177 2.11 7.06 -15.94
CA GLY C 177 1.01 6.95 -16.90
C GLY C 177 1.46 6.73 -18.32
N LYS C 178 2.72 7.05 -18.60
CA LYS C 178 3.29 6.95 -19.96
C LYS C 178 4.52 6.05 -19.91
N ASP C 179 5.11 5.76 -21.07
CA ASP C 179 6.31 4.92 -21.13
C ASP C 179 7.53 5.59 -20.52
N VAL C 180 8.41 4.77 -19.93
CA VAL C 180 9.64 5.27 -19.32
C VAL C 180 10.79 4.81 -20.20
N PRO C 181 11.47 5.72 -20.93
CA PRO C 181 12.60 5.28 -21.75
C PRO C 181 13.69 4.64 -20.89
N ALA C 182 14.49 3.75 -21.52
CA ALA C 182 15.61 3.09 -20.86
C ALA C 182 16.50 4.14 -20.18
N TYR C 183 17.02 3.83 -18.96
CA TYR C 183 17.91 4.70 -18.15
C TYR C 183 17.25 5.95 -17.55
N VAL C 184 16.07 6.34 -17.99
CA VAL C 184 15.46 7.58 -17.49
C VAL C 184 14.99 7.42 -16.02
N THR C 185 15.18 8.49 -15.22
CA THR C 185 14.72 8.54 -13.83
C THR C 185 13.46 9.39 -13.84
N VAL C 186 12.40 8.89 -13.19
CA VAL C 186 11.09 9.54 -13.13
C VAL C 186 10.64 9.70 -11.69
N PHE C 187 9.90 10.77 -11.39
CA PHE C 187 9.46 11.11 -10.04
C PHE C 187 8.09 11.77 -10.08
N GLY C 188 7.31 11.57 -9.02
CA GLY C 188 6.06 12.28 -8.82
C GLY C 188 4.78 11.62 -9.29
N ASN C 189 3.67 12.29 -8.96
CA ASN C 189 2.33 11.91 -9.34
C ASN C 189 1.63 13.14 -9.98
N PRO C 190 1.54 13.27 -11.33
CA PRO C 190 2.03 12.31 -12.37
C PRO C 190 3.55 12.29 -12.52
N ALA C 191 4.12 11.14 -12.91
CA ALA C 191 5.58 11.00 -13.05
C ALA C 191 6.18 11.99 -14.08
N GLU C 192 7.36 12.54 -13.77
CA GLU C 192 8.09 13.47 -14.64
C GLU C 192 9.52 12.97 -14.83
N ALA C 193 10.08 13.15 -16.05
CA ALA C 193 11.47 12.77 -16.34
C ALA C 193 12.41 13.76 -15.67
N ARG C 194 13.46 13.27 -14.99
CA ARG C 194 14.40 14.16 -14.31
C ARG C 194 15.79 14.09 -14.91
N SER C 195 16.38 12.88 -14.99
CA SER C 195 17.73 12.66 -15.51
C SER C 195 17.89 11.21 -16.01
N MET C 196 19.14 10.71 -16.09
CA MET C 196 19.48 9.34 -16.47
C MET C 196 20.00 8.67 -15.19
N ASN C 197 19.88 7.33 -15.11
CA ASN C 197 20.34 6.54 -13.97
C ASN C 197 21.84 6.27 -14.11
N PHE C 198 22.66 7.31 -13.85
CA PHE C 198 24.11 7.25 -13.96
C PHE C 198 24.74 6.28 -12.95
N GLU C 199 24.17 6.16 -11.73
CA GLU C 199 24.64 5.23 -10.69
C GLU C 199 24.52 3.78 -11.18
N GLY C 200 23.38 3.47 -11.81
CA GLY C 200 23.12 2.17 -12.41
C GLY C 200 24.09 1.86 -13.53
N MET C 201 24.38 2.87 -14.39
CA MET C 201 25.36 2.77 -15.47
C MET C 201 26.76 2.46 -14.90
N ARG C 202 27.13 3.09 -13.77
CA ARG C 202 28.43 2.88 -13.12
C ARG C 202 28.54 1.50 -12.48
N ARG C 203 27.44 1.03 -11.82
CA ARG C 203 27.35 -0.29 -11.18
C ARG C 203 27.49 -1.41 -12.21
N ARG C 204 27.01 -1.18 -13.45
CA ARG C 204 27.08 -2.12 -14.56
C ARG C 204 28.39 -2.06 -15.34
N GLY C 205 29.30 -1.19 -14.87
CA GLY C 205 30.62 -0.98 -15.44
C GLY C 205 30.62 -0.43 -16.84
N PHE C 206 29.71 0.52 -17.12
CA PHE C 206 29.60 1.17 -18.44
C PHE C 206 30.84 2.03 -18.67
N SER C 207 31.33 2.11 -19.92
CA SER C 207 32.49 2.94 -20.23
C SER C 207 32.15 4.42 -20.05
N SER C 208 33.16 5.27 -19.80
CA SER C 208 32.98 6.72 -19.62
C SER C 208 32.35 7.33 -20.88
N GLU C 209 32.73 6.78 -22.07
CA GLU C 209 32.25 7.18 -23.39
C GLU C 209 30.74 6.87 -23.54
N ALA C 210 30.29 5.72 -23.00
CA ALA C 210 28.90 5.28 -23.05
C ALA C 210 28.02 6.14 -22.12
N ILE C 211 28.52 6.47 -20.92
CA ILE C 211 27.85 7.32 -19.92
C ILE C 211 27.72 8.76 -20.47
N HIS C 212 28.76 9.24 -21.19
CA HIS C 212 28.78 10.57 -21.82
C HIS C 212 27.80 10.67 -22.98
N ALA C 213 27.75 9.63 -23.85
CA ALA C 213 26.85 9.54 -25.02
C ALA C 213 25.36 9.44 -24.59
N LEU C 214 25.09 8.82 -23.42
CA LEU C 214 23.75 8.69 -22.87
C LEU C 214 23.26 10.02 -22.26
N ARG C 215 24.15 10.76 -21.55
CA ARG C 215 23.85 12.09 -20.98
C ARG C 215 23.52 13.07 -22.12
N ARG C 216 24.23 12.93 -23.24
CA ARG C 216 24.09 13.71 -24.47
C ARG C 216 22.73 13.38 -25.13
N ALA C 217 22.37 12.07 -25.16
CA ALA C 217 21.12 11.52 -25.70
C ALA C 217 19.87 12.05 -24.96
N TYR C 218 19.93 12.13 -23.60
CA TYR C 218 18.84 12.66 -22.75
C TYR C 218 18.49 14.09 -23.13
N LYS C 219 19.52 14.96 -23.26
CA LYS C 219 19.40 16.37 -23.62
C LYS C 219 18.73 16.56 -24.99
N VAL C 220 19.10 15.70 -25.97
CA VAL C 220 18.53 15.68 -27.32
C VAL C 220 17.00 15.44 -27.25
N VAL C 221 16.57 14.47 -26.45
CA VAL C 221 15.17 14.10 -26.28
C VAL C 221 14.35 15.07 -25.40
N TYR C 222 14.94 15.52 -24.28
CA TYR C 222 14.21 16.29 -23.27
C TYR C 222 14.55 17.77 -23.05
N ARG C 223 15.78 18.23 -23.36
CA ARG C 223 16.13 19.60 -23.00
C ARG C 223 16.58 20.48 -24.18
N GLN C 224 16.27 20.05 -25.42
CA GLN C 224 16.68 20.78 -26.64
C GLN C 224 15.50 21.12 -27.58
N GLY C 225 14.30 21.24 -27.00
CA GLY C 225 13.07 21.60 -27.69
C GLY C 225 12.67 20.83 -28.93
N HIS C 226 13.15 19.58 -29.08
CA HIS C 226 12.85 18.73 -30.23
C HIS C 226 11.61 17.89 -30.01
N THR C 227 10.97 17.48 -31.12
CA THR C 227 9.82 16.58 -31.12
C THR C 227 10.41 15.16 -31.05
N VAL C 228 9.57 14.15 -30.74
CA VAL C 228 9.98 12.73 -30.66
C VAL C 228 10.61 12.26 -32.00
N GLU C 229 10.00 12.66 -33.14
CA GLU C 229 10.49 12.32 -34.49
C GLU C 229 11.84 12.99 -34.80
N GLU C 230 12.04 14.23 -34.30
CA GLU C 230 13.27 15.00 -34.46
C GLU C 230 14.39 14.39 -33.63
N ALA C 231 14.07 14.00 -32.37
CA ALA C 231 15.00 13.40 -31.42
C ALA C 231 15.51 12.05 -31.91
N LEU C 232 14.63 11.19 -32.44
CA LEU C 232 14.98 9.85 -32.95
C LEU C 232 15.96 9.89 -34.13
N ALA C 233 15.84 10.91 -35.00
CA ALA C 233 16.70 11.13 -36.17
C ALA C 233 18.12 11.59 -35.75
N GLU C 234 18.20 12.48 -34.75
CA GLU C 234 19.47 12.98 -34.21
C GLU C 234 20.23 11.86 -33.47
N LEU C 235 19.47 10.94 -32.82
CA LEU C 235 20.00 9.80 -32.05
C LEU C 235 20.61 8.69 -32.92
N ALA C 236 20.13 8.52 -34.17
CA ALA C 236 20.56 7.51 -35.14
C ALA C 236 22.07 7.26 -35.21
N GLU C 237 22.88 8.35 -35.18
CA GLU C 237 24.34 8.29 -35.24
C GLU C 237 24.94 7.69 -33.96
N SER C 238 24.61 8.26 -32.78
CA SER C 238 25.13 7.80 -31.49
C SER C 238 24.69 6.37 -31.16
N ALA C 239 23.48 5.99 -31.60
CA ALA C 239 22.88 4.67 -31.42
C ALA C 239 23.59 3.59 -32.23
N ALA C 240 24.11 3.98 -33.42
CA ALA C 240 24.86 3.10 -34.33
C ALA C 240 26.25 2.78 -33.75
N GLN C 241 26.87 3.76 -33.08
CA GLN C 241 28.19 3.63 -32.47
C GLN C 241 28.12 2.97 -31.09
N PHE C 242 27.17 3.38 -30.23
CA PHE C 242 27.01 2.83 -28.87
C PHE C 242 25.73 1.97 -28.73
N PRO C 243 25.87 0.65 -28.43
CA PRO C 243 24.66 -0.21 -28.26
C PRO C 243 23.70 0.24 -27.16
N GLU C 244 24.22 0.87 -26.11
CA GLU C 244 23.42 1.37 -24.97
C GLU C 244 22.60 2.62 -25.35
N VAL C 245 23.08 3.42 -26.33
CA VAL C 245 22.33 4.58 -26.86
C VAL C 245 21.20 4.00 -27.75
N ALA C 246 21.49 2.87 -28.46
CA ALA C 246 20.50 2.14 -29.27
C ALA C 246 19.39 1.61 -28.36
N VAL C 247 19.73 1.21 -27.11
CA VAL C 247 18.76 0.74 -26.11
C VAL C 247 17.82 1.92 -25.77
N PHE C 248 18.39 3.13 -25.55
CA PHE C 248 17.64 4.36 -25.28
C PHE C 248 16.72 4.73 -26.46
N ARG C 249 17.30 4.81 -27.68
CA ARG C 249 16.60 5.11 -28.94
C ARG C 249 15.43 4.14 -29.19
N ASP C 250 15.68 2.81 -29.05
CA ASP C 250 14.70 1.75 -29.26
C ASP C 250 13.50 1.87 -28.35
N SER C 251 13.71 2.26 -27.06
CA SER C 251 12.64 2.41 -26.07
C SER C 251 11.72 3.61 -26.38
N ILE C 252 12.25 4.69 -26.98
CA ILE C 252 11.43 5.84 -27.38
C ILE C 252 10.66 5.49 -28.67
N GLN C 253 11.34 4.81 -29.62
CA GLN C 253 10.79 4.34 -30.89
C GLN C 253 9.57 3.42 -30.65
N SER C 254 9.69 2.48 -29.70
CA SER C 254 8.66 1.50 -29.35
C SER C 254 7.61 2.00 -28.31
N ALA C 255 7.61 3.31 -27.99
CA ALA C 255 6.64 3.90 -27.05
C ALA C 255 5.26 3.95 -27.71
N THR C 256 4.19 3.56 -26.98
CA THR C 256 2.80 3.57 -27.52
C THR C 256 1.89 4.56 -26.78
N ARG C 257 2.27 4.93 -25.54
CA ARG C 257 1.54 5.84 -24.66
C ARG C 257 2.25 7.20 -24.53
N GLY C 258 3.21 7.46 -25.44
CA GLY C 258 4.07 8.63 -25.39
C GLY C 258 5.12 8.42 -24.31
N ILE C 259 6.16 9.26 -24.27
CA ILE C 259 7.23 9.10 -23.27
C ILE C 259 6.98 9.99 -22.05
N THR C 260 7.37 9.53 -20.85
CA THR C 260 7.26 10.32 -19.63
C THR C 260 8.12 11.58 -19.84
N ARG C 261 7.54 12.77 -19.59
CA ARG C 261 8.25 14.03 -19.78
C ARG C 261 8.26 14.89 -18.50
#